data_9IYV
#
_entry.id   9IYV
#
_cell.length_a   111.941
_cell.length_b   76.028
_cell.length_c   71.124
_cell.angle_alpha   90.00
_cell.angle_beta   111.42
_cell.angle_gamma   90.00
#
_symmetry.space_group_name_H-M   'C 1 2 1'
#
loop_
_entity.id
_entity.type
_entity.pdbx_description
1 polymer 'Carbon monoxide dehydrogenase 2'
2 non-polymer 'IRON/SULFUR CLUSTER'
3 non-polymer 'FE (III) ION'
4 water water
#
_entity_poly.entity_id   1
_entity_poly.type   'polypeptide(L)'
_entity_poly.pdbx_seq_one_letter_code
;MGSSHHHHHHSSGLVPRGSHMARQNLKSTDRAVQQMLDKAKREGIQTVWDRYEAMKPQCGFGETGLCCRHCLQGPCRINP
FGDEPKVGICGATAEVIVARGLDRSIAAGAAGHSGHAKHLAHTLKKAVQGKAASYMIKDRTKLHSIAKRLGIPTEGQKDE
DIALEVAKAALADFHEKDTPVLWVTTVLPPSRVKVLSAHGLIPAGIDHEIAEIMHRTSMGCDADAQNLLLGGLRCSLADL
AGCYMGTDLADILFGTPAPVVTESNLGVLKADAVNVAVHGHNPVLSDIIVSVSKEMENEARAAGATGINVVGICCTGNEV
LMRHGIPACTHSVSQEMAMITGALDAMILDYQCIQPSVATIAECTGTTVITTMEMSKITGATHVNFAEEAAVENAKQILR
LAIDTFKRRKGKPVEIPNIKTKVVAGFSTEAIINALSKLNANDPLKPLIDNVVNGNIRGVCLFAGCNNVKVPQDQNFTTI
ARKLLKQNVLVVATGCGAGALMRHGFMDPANVDELCGDGLKAVLTAIGEANGLGGPLPPVLHMGSCVDNSRAVALVAALA
NRLGVDLDRLPVVASAAEAMHEKAVAIGTWAVTIGLPTHIGVLPPITGSLPVTQILTSSVKDITGGYFIVELDPETAADK
LLAAINERRAGLGLPW
;
_entity_poly.pdbx_strand_id   A
#
loop_
_chem_comp.id
_chem_comp.type
_chem_comp.name
_chem_comp.formula
FE non-polymer 'FE (III) ION' 'Fe 3'
SF4 non-polymer 'IRON/SULFUR CLUSTER' 'Fe4 S4'
#
# COMPACT_ATOMS: atom_id res chain seq x y z
N GLN A 24 11.93 -22.80 11.06
CA GLN A 24 11.19 -21.97 10.10
C GLN A 24 10.86 -20.58 10.66
N ASN A 25 11.43 -20.27 11.83
CA ASN A 25 11.18 -19.00 12.51
C ASN A 25 11.98 -17.86 11.90
N LEU A 26 13.19 -18.13 11.40
CA LEU A 26 13.95 -17.13 10.66
C LEU A 26 13.33 -16.82 9.30
N LYS A 27 12.29 -17.56 8.90
CA LYS A 27 11.54 -17.23 7.69
C LYS A 27 10.33 -16.34 7.98
N SER A 28 9.46 -16.76 8.89
CA SER A 28 8.22 -16.03 9.14
C SER A 28 7.88 -16.12 10.62
N THR A 29 7.40 -15.00 11.18
CA THR A 29 6.87 -14.97 12.54
C THR A 29 5.38 -15.33 12.57
N ASP A 30 4.84 -15.81 11.46
CA ASP A 30 3.44 -16.18 11.33
C ASP A 30 3.32 -17.69 11.43
N ARG A 31 2.46 -18.16 12.34
CA ARG A 31 2.47 -19.57 12.68
C ARG A 31 1.85 -20.43 11.59
N ALA A 32 0.76 -19.94 10.98
CA ALA A 32 0.19 -20.62 9.83
C ALA A 32 1.21 -20.73 8.69
N VAL A 33 2.02 -19.69 8.51
CA VAL A 33 3.01 -19.70 7.45
C VAL A 33 4.08 -20.73 7.74
N GLN A 34 4.43 -20.91 9.02
CA GLN A 34 5.41 -21.93 9.38
C GLN A 34 4.86 -23.33 9.12
N GLN A 35 3.58 -23.57 9.47
CA GLN A 35 2.97 -24.86 9.18
C GLN A 35 3.01 -25.17 7.68
N MET A 36 2.64 -24.19 6.86
CA MET A 36 2.65 -24.44 5.41
C MET A 36 4.08 -24.53 4.87
N LEU A 37 5.05 -23.89 5.52
CA LEU A 37 6.43 -24.03 5.06
C LEU A 37 6.91 -25.46 5.28
N ASP A 38 6.55 -26.05 6.43
CA ASP A 38 6.87 -27.46 6.67
C ASP A 38 6.22 -28.37 5.62
N LYS A 39 4.95 -28.07 5.28
CA LYS A 39 4.28 -28.83 4.23
C LYS A 39 5.02 -28.74 2.89
N ALA A 40 5.33 -27.51 2.45
CA ALA A 40 6.01 -27.35 1.17
C ALA A 40 7.37 -28.03 1.19
N LYS A 41 8.02 -28.07 2.36
CA LYS A 41 9.30 -28.75 2.47
C LYS A 41 9.14 -30.23 2.21
N ARG A 42 8.18 -30.87 2.87
CA ARG A 42 8.09 -32.32 2.70
C ARG A 42 7.50 -32.70 1.35
N GLU A 43 6.52 -31.94 0.84
CA GLU A 43 6.00 -32.19 -0.50
C GLU A 43 6.95 -31.78 -1.61
N GLY A 44 8.05 -31.09 -1.30
CA GLY A 44 9.04 -30.78 -2.31
C GLY A 44 8.77 -29.58 -3.18
N ILE A 45 7.84 -28.70 -2.79
CA ILE A 45 7.50 -27.49 -3.54
C ILE A 45 8.46 -26.36 -3.16
N GLN A 46 9.19 -25.85 -4.15
CA GLN A 46 10.04 -24.68 -3.98
C GLN A 46 9.22 -23.45 -3.56
N THR A 47 9.72 -22.73 -2.56
CA THR A 47 9.12 -21.49 -2.08
C THR A 47 10.05 -20.31 -2.32
N VAL A 48 9.50 -19.10 -2.12
CA VAL A 48 10.28 -17.87 -2.27
C VAL A 48 11.50 -17.89 -1.36
N TRP A 49 11.36 -18.40 -0.13
CA TRP A 49 12.51 -18.52 0.75
C TRP A 49 13.54 -19.49 0.18
N ASP A 50 13.08 -20.51 -0.54
CA ASP A 50 14.01 -21.44 -1.18
C ASP A 50 14.77 -20.75 -2.29
N ARG A 51 14.07 -20.01 -3.15
CA ARG A 51 14.75 -19.30 -4.21
C ARG A 51 15.68 -18.23 -3.64
N TYR A 52 15.32 -17.65 -2.50
CA TYR A 52 16.21 -16.69 -1.84
C TYR A 52 17.47 -17.37 -1.37
N GLU A 53 17.33 -18.59 -0.82
CA GLU A 53 18.48 -19.34 -0.33
C GLU A 53 19.44 -19.72 -1.46
N ALA A 54 18.91 -20.00 -2.65
CA ALA A 54 19.73 -20.32 -3.81
C ALA A 54 20.33 -19.08 -4.46
N MET A 55 20.04 -17.88 -3.95
CA MET A 55 20.56 -16.64 -4.50
C MET A 55 21.72 -16.06 -3.69
N LYS A 56 21.91 -16.48 -2.44
CA LYS A 56 23.00 -15.96 -1.62
C LYS A 56 24.34 -16.56 -2.07
N PRO A 57 25.45 -15.83 -1.85
CA PRO A 57 25.55 -14.47 -1.29
C PRO A 57 25.27 -13.46 -2.40
N GLN A 58 24.44 -12.44 -2.16
CA GLN A 58 23.99 -11.60 -3.26
C GLN A 58 25.07 -10.61 -3.69
N CYS A 59 24.82 -9.96 -4.82
CA CYS A 59 25.79 -9.06 -5.46
C CYS A 59 25.99 -7.81 -4.60
N GLY A 60 27.22 -7.58 -4.15
CA GLY A 60 27.50 -6.36 -3.42
C GLY A 60 27.24 -5.11 -4.24
N PHE A 61 27.63 -5.14 -5.52
CA PHE A 61 27.39 -4.02 -6.43
C PHE A 61 25.91 -3.67 -6.47
N GLY A 62 25.06 -4.65 -6.79
CA GLY A 62 23.63 -4.39 -6.79
C GLY A 62 23.13 -3.83 -5.48
N GLU A 63 23.39 -4.53 -4.37
CA GLU A 63 22.86 -4.15 -3.06
C GLU A 63 23.24 -2.71 -2.69
N THR A 64 24.46 -2.28 -3.02
CA THR A 64 24.90 -0.92 -2.70
C THR A 64 24.49 0.10 -3.76
N GLY A 65 23.95 -0.32 -4.89
CA GLY A 65 23.57 0.59 -5.95
C GLY A 65 24.64 0.89 -6.97
N LEU A 66 25.83 0.30 -6.85
CA LEU A 66 26.95 0.60 -7.75
C LEU A 66 27.00 -0.40 -8.90
N CYS A 67 25.89 -0.44 -9.62
CA CYS A 67 25.76 -1.25 -10.83
C CYS A 67 24.84 -0.48 -11.76
N CYS A 68 25.21 -0.43 -13.05
CA CYS A 68 24.44 0.34 -14.02
C CYS A 68 24.49 -0.39 -15.36
N ARG A 69 23.33 -0.51 -16.00
CA ARG A 69 23.25 -1.13 -17.31
C ARG A 69 22.41 -0.28 -18.26
N HIS A 70 22.49 1.04 -18.11
CA HIS A 70 21.66 1.89 -18.95
C HIS A 70 22.14 1.97 -20.39
N CYS A 71 23.26 1.33 -20.77
CA CYS A 71 23.68 1.33 -22.17
C CYS A 71 24.52 0.10 -22.45
N LEU A 72 24.66 -0.22 -23.75
CA LEU A 72 25.29 -1.46 -24.22
C LEU A 72 26.81 -1.46 -24.06
N GLN A 73 27.40 -0.39 -23.52
CA GLN A 73 28.79 -0.47 -23.14
C GLN A 73 28.95 -1.12 -21.78
N GLY A 74 27.91 -1.08 -20.95
CA GLY A 74 27.94 -1.74 -19.67
C GLY A 74 27.86 -3.25 -19.80
N PRO A 75 27.55 -3.95 -18.69
CA PRO A 75 27.29 -3.41 -17.34
C PRO A 75 28.53 -2.79 -16.72
N CYS A 76 28.31 -1.71 -15.96
CA CYS A 76 29.35 -1.01 -15.23
C CYS A 76 29.13 -1.23 -13.74
N ARG A 77 30.18 -1.66 -13.07
CA ARG A 77 30.17 -1.81 -11.62
C ARG A 77 31.17 -0.83 -11.04
N ILE A 78 30.93 -0.39 -9.82
CA ILE A 78 31.92 0.41 -9.11
C ILE A 78 32.20 -0.28 -7.79
N ASN A 79 33.48 -0.52 -7.52
CA ASN A 79 33.88 -1.11 -6.25
C ASN A 79 33.47 -0.17 -5.13
N PRO A 80 32.68 -0.64 -4.15
CA PRO A 80 32.35 0.22 -3.00
C PRO A 80 33.60 0.76 -2.32
N PHE A 81 34.64 -0.07 -2.21
CA PHE A 81 35.87 0.30 -1.53
C PHE A 81 37.03 -0.38 -2.22
N GLY A 82 38.04 0.41 -2.61
CA GLY A 82 39.20 -0.16 -3.27
C GLY A 82 39.62 0.47 -4.58
N ASP A 83 40.31 -0.30 -5.42
CA ASP A 83 40.91 0.26 -6.63
C ASP A 83 39.89 0.23 -7.76
N GLU A 84 40.36 0.31 -9.01
CA GLU A 84 39.47 0.43 -10.14
C GLU A 84 38.60 -0.83 -10.26
N PRO A 85 37.38 -0.70 -10.82
CA PRO A 85 36.77 0.50 -11.43
C PRO A 85 36.22 1.49 -10.41
N LYS A 86 36.61 2.76 -10.54
CA LYS A 86 36.17 3.83 -9.66
C LYS A 86 35.03 4.64 -10.26
N VAL A 87 34.58 4.28 -11.44
CA VAL A 87 33.77 5.19 -12.25
C VAL A 87 33.24 4.38 -13.44
N GLY A 88 32.05 4.74 -13.92
CA GLY A 88 31.49 4.09 -15.07
C GLY A 88 32.25 4.39 -16.35
N ILE A 89 32.02 3.55 -17.35
CA ILE A 89 32.73 3.68 -18.62
C ILE A 89 32.56 5.08 -19.18
N CYS A 90 31.34 5.58 -19.21
CA CYS A 90 31.04 6.91 -19.72
C CYS A 90 31.57 8.03 -18.82
N GLY A 91 32.04 7.72 -17.62
CA GLY A 91 32.44 8.74 -16.67
C GLY A 91 31.49 8.90 -15.50
N ALA A 92 30.36 8.20 -15.49
CA ALA A 92 29.38 8.37 -14.44
C ALA A 92 29.97 8.04 -13.07
N THR A 93 29.95 9.03 -12.18
CA THR A 93 30.39 8.82 -10.80
C THR A 93 29.37 7.94 -10.06
N ALA A 94 29.78 7.46 -8.88
CA ALA A 94 28.90 6.65 -8.04
C ALA A 94 27.69 7.43 -7.57
N GLU A 95 27.86 8.71 -7.24
CA GLU A 95 26.74 9.56 -6.87
C GLU A 95 25.65 9.52 -7.94
N VAL A 96 26.08 9.54 -9.21
CA VAL A 96 25.15 9.64 -10.31
C VAL A 96 24.53 8.28 -10.59
N ILE A 97 25.31 7.23 -10.55
CA ILE A 97 24.75 5.91 -10.79
C ILE A 97 23.66 5.62 -9.76
N VAL A 98 23.97 5.88 -8.48
CA VAL A 98 22.99 5.64 -7.41
C VAL A 98 21.74 6.51 -7.60
N ALA A 99 21.91 7.80 -7.90
CA ALA A 99 20.73 8.64 -8.01
C ALA A 99 19.89 8.30 -9.24
N ARG A 100 20.52 7.81 -10.31
CA ARG A 100 19.75 7.41 -11.49
C ARG A 100 18.96 6.15 -11.22
N GLY A 101 19.57 5.18 -10.53
CA GLY A 101 18.85 3.96 -10.23
C GLY A 101 17.64 4.26 -9.36
N LEU A 102 17.85 5.09 -8.35
CA LEU A 102 16.77 5.40 -7.42
C LEU A 102 15.67 6.19 -8.13
N ASP A 103 16.04 7.12 -9.01
CA ASP A 103 15.01 7.83 -9.76
C ASP A 103 14.19 6.85 -10.58
N ARG A 104 14.83 5.82 -11.13
CA ARG A 104 14.06 4.93 -11.99
C ARG A 104 13.09 4.09 -11.19
N SER A 105 13.47 3.71 -9.97
CA SER A 105 12.54 3.00 -9.09
C SER A 105 11.38 3.88 -8.64
N ILE A 106 11.66 5.15 -8.38
CA ILE A 106 10.57 6.08 -8.06
C ILE A 106 9.59 6.12 -9.22
N ALA A 107 10.11 6.23 -10.43
CA ALA A 107 9.25 6.35 -11.60
C ALA A 107 8.46 5.07 -11.85
N ALA A 108 9.07 3.91 -11.61
CA ALA A 108 8.35 2.66 -11.87
C ALA A 108 7.24 2.48 -10.85
N GLY A 109 7.49 2.81 -9.58
CA GLY A 109 6.39 2.86 -8.61
C GLY A 109 5.28 3.79 -9.07
N ALA A 110 5.65 5.01 -9.47
CA ALA A 110 4.65 5.97 -9.92
C ALA A 110 3.87 5.42 -11.09
N ALA A 111 4.51 4.59 -11.90
CA ALA A 111 3.83 4.02 -13.05
C ALA A 111 2.80 3.00 -12.60
N GLY A 112 3.09 2.25 -11.53
CA GLY A 112 2.15 1.25 -11.07
C GLY A 112 0.93 1.91 -10.43
N HIS A 113 1.17 2.79 -9.47
CA HIS A 113 0.05 3.50 -8.83
C HIS A 113 -0.74 4.31 -9.86
N SER A 114 -0.06 5.00 -10.77
CA SER A 114 -0.76 5.81 -11.75
C SER A 114 -1.53 4.96 -12.75
N GLY A 115 -1.02 3.79 -13.15
CA GLY A 115 -1.77 2.94 -14.07
C GLY A 115 -3.05 2.44 -13.43
N HIS A 116 -2.96 2.05 -12.16
CA HIS A 116 -4.15 1.61 -11.45
C HIS A 116 -5.21 2.71 -11.41
N ALA A 117 -4.79 3.93 -11.06
CA ALA A 117 -5.76 5.02 -10.99
C ALA A 117 -6.28 5.40 -12.37
N LYS A 118 -5.44 5.32 -13.41
CA LYS A 118 -5.88 5.59 -14.78
C LYS A 118 -6.95 4.60 -15.21
N HIS A 119 -6.76 3.34 -14.87
CA HIS A 119 -7.78 2.33 -15.13
C HIS A 119 -9.09 2.69 -14.42
N LEU A 120 -9.01 3.13 -13.17
CA LEU A 120 -10.22 3.49 -12.45
C LEU A 120 -10.92 4.69 -13.09
N ALA A 121 -10.16 5.66 -13.58
CA ALA A 121 -10.73 6.81 -14.27
C ALA A 121 -11.41 6.43 -15.58
N HIS A 122 -10.80 5.51 -16.33
CA HIS A 122 -11.50 5.03 -17.52
C HIS A 122 -12.78 4.28 -17.14
N THR A 123 -12.72 3.48 -16.07
CA THR A 123 -13.90 2.77 -15.58
C THR A 123 -15.04 3.73 -15.25
N LEU A 124 -14.71 4.85 -14.60
CA LEU A 124 -15.74 5.82 -14.22
C LEU A 124 -16.34 6.52 -15.44
N LYS A 125 -15.48 6.96 -16.36
CA LYS A 125 -16.00 7.62 -17.56
C LYS A 125 -16.92 6.66 -18.33
N LYS A 126 -16.49 5.40 -18.50
CA LYS A 126 -17.33 4.40 -19.14
C LYS A 126 -18.66 4.29 -18.42
N ALA A 127 -18.63 4.24 -17.08
CA ALA A 127 -19.86 4.03 -16.32
C ALA A 127 -20.84 5.17 -16.54
N VAL A 128 -20.39 6.41 -16.31
CA VAL A 128 -21.31 7.55 -16.38
C VAL A 128 -21.62 7.95 -17.81
N GLN A 129 -21.08 7.24 -18.80
CA GLN A 129 -21.57 7.37 -20.16
C GLN A 129 -22.34 6.11 -20.60
N GLY A 130 -22.96 5.41 -19.65
CA GLY A 130 -23.77 4.24 -19.98
C GLY A 130 -23.02 3.11 -20.65
N LYS A 131 -21.71 2.99 -20.47
CA LYS A 131 -20.95 1.93 -21.13
C LYS A 131 -20.71 0.69 -20.27
N ALA A 132 -20.71 0.80 -18.93
CA ALA A 132 -20.48 -0.35 -18.05
C ALA A 132 -21.52 -0.35 -16.93
N ALA A 133 -22.70 -0.91 -17.22
CA ALA A 133 -23.79 -0.92 -16.27
C ALA A 133 -23.49 -1.73 -15.02
N SER A 134 -22.44 -2.57 -15.03
CA SER A 134 -21.99 -3.25 -13.82
C SER A 134 -21.40 -2.28 -12.80
N TYR A 135 -21.08 -1.05 -13.21
CA TYR A 135 -20.44 -0.03 -12.38
C TYR A 135 -21.31 1.22 -12.33
N MET A 136 -21.15 2.02 -11.27
CA MET A 136 -21.99 3.18 -11.04
C MET A 136 -21.37 4.03 -9.94
N ILE A 137 -22.01 5.17 -9.66
CA ILE A 137 -21.66 6.03 -8.53
C ILE A 137 -22.27 5.41 -7.27
N LYS A 138 -21.43 4.87 -6.38
CA LYS A 138 -21.91 4.34 -5.13
C LYS A 138 -21.68 5.29 -3.95
N ASP A 139 -20.93 6.36 -4.12
CA ASP A 139 -20.77 7.36 -3.08
C ASP A 139 -20.88 8.74 -3.73
N ARG A 140 -22.03 9.37 -3.50
CA ARG A 140 -22.35 10.66 -4.07
C ARG A 140 -21.74 11.78 -3.23
N THR A 141 -21.70 11.58 -1.91
CA THR A 141 -21.03 12.54 -1.04
C THR A 141 -19.57 12.67 -1.43
N LYS A 142 -18.88 11.53 -1.55
CA LYS A 142 -17.48 11.56 -1.94
C LYS A 142 -17.29 12.27 -3.27
N LEU A 143 -18.10 11.90 -4.27
CA LEU A 143 -17.97 12.51 -5.59
C LEU A 143 -18.15 14.02 -5.52
N HIS A 144 -19.06 14.48 -4.68
CA HIS A 144 -19.31 15.91 -4.59
C HIS A 144 -18.17 16.62 -3.88
N SER A 145 -17.64 16.01 -2.81
CA SER A 145 -16.52 16.61 -2.09
C SER A 145 -15.27 16.65 -2.98
N ILE A 146 -15.06 15.62 -3.80
CA ILE A 146 -13.95 15.61 -4.74
C ILE A 146 -14.13 16.71 -5.79
N ALA A 147 -15.25 16.67 -6.51
CA ALA A 147 -15.49 17.67 -7.56
C ALA A 147 -15.34 19.08 -7.02
N LYS A 148 -15.63 19.28 -5.74
CA LYS A 148 -15.46 20.62 -5.18
C LYS A 148 -14.02 20.89 -4.75
N ARG A 149 -13.30 19.86 -4.29
CA ARG A 149 -11.88 20.02 -4.08
C ARG A 149 -11.18 20.49 -5.36
N LEU A 150 -11.70 20.08 -6.52
CA LEU A 150 -11.10 20.39 -7.82
C LEU A 150 -11.70 21.62 -8.46
N GLY A 151 -12.61 22.32 -7.78
CA GLY A 151 -13.32 23.40 -8.43
C GLY A 151 -14.19 22.95 -9.59
N ILE A 152 -14.77 21.76 -9.51
CA ILE A 152 -15.73 21.36 -10.54
C ILE A 152 -17.13 21.72 -10.07
N PRO A 153 -17.93 22.40 -10.88
CA PRO A 153 -19.23 22.90 -10.42
C PRO A 153 -20.20 21.77 -10.13
N THR A 154 -20.86 21.83 -8.97
CA THR A 154 -21.80 20.79 -8.57
C THR A 154 -23.26 21.21 -8.73
N GLU A 155 -23.66 22.35 -8.14
CA GLU A 155 -25.06 22.73 -8.07
C GLU A 155 -25.69 22.84 -9.46
N GLY A 156 -26.95 22.41 -9.56
CA GLY A 156 -27.63 22.46 -10.84
C GLY A 156 -27.09 21.49 -11.88
N GLN A 157 -25.96 20.86 -11.58
CA GLN A 157 -25.38 19.86 -12.46
C GLN A 157 -25.75 18.47 -11.96
N LYS A 158 -26.07 17.59 -12.89
CA LYS A 158 -26.43 16.23 -12.51
C LYS A 158 -25.19 15.38 -12.25
N ASP A 159 -25.40 14.28 -11.52
CA ASP A 159 -24.29 13.48 -11.01
C ASP A 159 -23.43 12.92 -12.13
N GLU A 160 -24.04 12.38 -13.19
CA GLU A 160 -23.25 11.82 -14.26
C GLU A 160 -22.37 12.88 -14.92
N ASP A 161 -22.86 14.13 -15.02
CA ASP A 161 -22.02 15.19 -15.56
C ASP A 161 -20.88 15.55 -14.60
N ILE A 162 -21.16 15.57 -13.29
CA ILE A 162 -20.13 15.86 -12.29
C ILE A 162 -19.03 14.80 -12.33
N ALA A 163 -19.41 13.54 -12.33
CA ALA A 163 -18.43 12.46 -12.34
C ALA A 163 -17.69 12.42 -13.68
N LEU A 164 -18.39 12.71 -14.77
CA LEU A 164 -17.70 12.80 -16.06
C LEU A 164 -16.63 13.89 -16.01
N GLU A 165 -16.94 15.03 -15.39
CA GLU A 165 -15.93 16.08 -15.23
C GLU A 165 -14.77 15.61 -14.36
N VAL A 166 -15.09 14.97 -13.22
CA VAL A 166 -14.06 14.49 -12.31
C VAL A 166 -13.14 13.50 -13.01
N ALA A 167 -13.71 12.61 -13.81
CA ALA A 167 -12.90 11.62 -14.50
C ALA A 167 -12.01 12.28 -15.55
N LYS A 168 -12.58 13.19 -16.34
CA LYS A 168 -11.80 13.92 -17.33
C LYS A 168 -10.64 14.66 -16.67
N ALA A 169 -10.86 15.19 -15.48
CA ALA A 169 -9.76 15.87 -14.79
C ALA A 169 -8.71 14.87 -14.36
N ALA A 170 -9.13 13.69 -13.90
CA ALA A 170 -8.17 12.68 -13.49
C ALA A 170 -7.27 12.32 -14.67
N LEU A 171 -7.88 11.91 -15.78
CA LEU A 171 -7.15 11.69 -17.04
C LEU A 171 -6.30 12.87 -17.44
N ALA A 172 -6.75 14.09 -17.17
CA ALA A 172 -5.98 15.27 -17.54
C ALA A 172 -4.70 15.38 -16.73
N ASP A 173 -4.72 14.96 -15.47
CA ASP A 173 -3.54 15.10 -14.61
C ASP A 173 -2.37 14.24 -15.06
N PHE A 174 -2.55 13.38 -16.08
CA PHE A 174 -1.44 12.57 -16.56
C PHE A 174 -0.55 13.27 -17.59
N HIS A 175 -0.94 14.45 -18.07
CA HIS A 175 -0.16 15.15 -19.08
C HIS A 175 -0.15 16.63 -18.76
N GLU A 176 0.73 17.35 -19.46
CA GLU A 176 0.88 18.79 -19.28
C GLU A 176 -0.39 19.52 -19.66
N LYS A 177 -0.57 20.71 -19.07
CA LYS A 177 -1.75 21.52 -19.30
C LYS A 177 -1.64 22.88 -18.62
N ASP A 178 -2.77 23.58 -18.49
CA ASP A 178 -2.76 24.92 -17.92
C ASP A 178 -2.43 24.89 -16.43
N THR A 179 -2.81 23.82 -15.75
CA THR A 179 -2.58 23.67 -14.34
C THR A 179 -1.58 22.55 -14.05
N PRO A 180 -0.89 22.60 -12.91
CA PRO A 180 -0.13 21.41 -12.47
C PRO A 180 -1.04 20.25 -12.13
N VAL A 181 -0.50 19.19 -11.52
CA VAL A 181 -1.30 18.01 -11.21
C VAL A 181 -2.24 18.38 -10.06
N LEU A 182 -3.55 18.36 -10.33
CA LEU A 182 -4.49 18.78 -9.31
C LEU A 182 -4.49 17.82 -8.12
N TRP A 183 -4.32 16.51 -8.40
CA TRP A 183 -4.27 15.56 -7.29
C TRP A 183 -2.94 15.65 -6.48
N VAL A 184 -2.12 16.68 -6.71
CA VAL A 184 -1.09 17.11 -5.79
C VAL A 184 -1.45 18.45 -5.14
N THR A 185 -1.78 19.45 -5.96
CA THR A 185 -1.91 20.82 -5.45
C THR A 185 -3.17 21.02 -4.60
N THR A 186 -4.22 20.25 -4.85
CA THR A 186 -5.45 20.41 -4.09
C THR A 186 -5.60 19.46 -2.93
N VAL A 187 -4.59 18.63 -2.62
CA VAL A 187 -4.70 17.70 -1.49
C VAL A 187 -3.66 17.95 -0.41
N LEU A 188 -2.71 18.85 -0.61
CA LEU A 188 -1.77 19.21 0.45
C LEU A 188 -2.04 20.63 0.95
N PRO A 189 -1.70 20.96 2.20
CA PRO A 189 -1.94 22.32 2.69
C PRO A 189 -1.18 23.30 1.82
N PRO A 190 -1.80 24.42 1.43
CA PRO A 190 -1.14 25.33 0.48
C PRO A 190 0.25 25.75 0.90
N SER A 191 0.54 25.83 2.20
CA SER A 191 1.91 26.15 2.61
C SER A 191 2.90 25.11 2.08
N ARG A 192 2.55 23.83 2.22
CA ARG A 192 3.37 22.76 1.63
C ARG A 192 3.49 22.93 0.11
N VAL A 193 2.39 23.32 -0.55
CA VAL A 193 2.44 23.53 -1.99
C VAL A 193 3.42 24.66 -2.35
N LYS A 194 3.42 25.74 -1.56
CA LYS A 194 4.34 26.84 -1.81
C LYS A 194 5.78 26.41 -1.59
N VAL A 195 6.03 25.70 -0.49
CA VAL A 195 7.38 25.21 -0.20
C VAL A 195 7.88 24.33 -1.34
N LEU A 196 7.00 23.52 -1.93
CA LEU A 196 7.43 22.62 -2.98
C LEU A 196 7.59 23.35 -4.31
N SER A 197 6.72 24.33 -4.58
CA SER A 197 6.79 25.06 -5.82
C SER A 197 8.01 25.97 -5.88
N ALA A 198 8.50 26.44 -4.74
CA ALA A 198 9.70 27.25 -4.75
C ALA A 198 10.91 26.47 -5.27
N HIS A 199 11.00 25.16 -4.96
CA HIS A 199 12.08 24.35 -5.50
C HIS A 199 11.68 23.61 -6.78
N GLY A 200 10.64 24.05 -7.47
CA GLY A 200 10.28 23.41 -8.72
C GLY A 200 9.92 21.95 -8.58
N LEU A 201 9.26 21.55 -7.48
CA LEU A 201 9.00 20.15 -7.19
C LEU A 201 7.61 19.70 -7.59
N ILE A 202 6.75 20.58 -8.08
CA ILE A 202 5.38 20.20 -8.34
C ILE A 202 5.32 19.48 -9.69
N PRO A 203 4.80 18.26 -9.75
CA PRO A 203 4.66 17.60 -11.05
C PRO A 203 3.80 18.43 -11.99
N ALA A 204 4.16 18.39 -13.27
CA ALA A 204 3.34 18.95 -14.35
C ALA A 204 2.41 17.93 -14.99
N GLY A 205 2.73 16.64 -14.91
CA GLY A 205 1.89 15.56 -15.43
C GLY A 205 2.44 14.26 -14.89
N ILE A 206 1.58 13.27 -14.60
CA ILE A 206 2.05 12.05 -13.96
C ILE A 206 2.95 11.26 -14.90
N ASP A 207 2.42 10.91 -16.08
CA ASP A 207 3.20 10.19 -17.07
C ASP A 207 4.29 11.08 -17.68
N HIS A 208 4.08 12.38 -17.67
CA HIS A 208 5.11 13.31 -18.08
C HIS A 208 6.31 13.21 -17.16
N GLU A 209 6.08 13.17 -15.84
CA GLU A 209 7.20 13.06 -14.92
C GLU A 209 7.87 11.72 -15.08
N ILE A 210 7.10 10.67 -15.31
CA ILE A 210 7.69 9.35 -15.48
C ILE A 210 8.62 9.34 -16.69
N ALA A 211 8.13 9.87 -17.82
CA ALA A 211 8.93 9.90 -19.03
C ALA A 211 10.17 10.76 -18.84
N GLU A 212 10.03 11.88 -18.12
CA GLU A 212 11.19 12.76 -17.97
C GLU A 212 12.24 12.16 -17.07
N ILE A 213 11.79 11.38 -16.07
CA ILE A 213 12.74 10.60 -15.30
C ILE A 213 13.50 9.65 -16.21
N MET A 214 12.77 8.93 -17.08
CA MET A 214 13.47 7.95 -17.91
C MET A 214 14.40 8.63 -18.91
N HIS A 215 14.05 9.83 -19.36
CA HIS A 215 14.92 10.60 -20.22
C HIS A 215 16.21 10.96 -19.50
N ARG A 216 16.07 11.65 -18.36
CA ARG A 216 17.21 12.28 -17.73
C ARG A 216 18.17 11.28 -17.07
N THR A 217 17.68 10.08 -16.68
CA THR A 217 18.55 9.06 -16.08
C THR A 217 19.19 8.14 -17.10
N SER A 218 18.94 8.33 -18.39
CA SER A 218 19.57 7.47 -19.37
C SER A 218 20.89 8.09 -19.79
N MET A 219 21.71 7.27 -20.47
CA MET A 219 23.13 7.61 -20.68
C MET A 219 23.28 8.97 -21.34
N GLY A 220 24.24 9.74 -20.84
CA GLY A 220 24.60 11.00 -21.44
C GLY A 220 23.72 12.18 -21.11
N CYS A 221 22.82 12.06 -20.14
CA CYS A 221 21.93 13.16 -19.75
C CYS A 221 22.32 13.63 -18.34
N ASP A 222 21.39 13.73 -17.41
CA ASP A 222 21.67 14.35 -16.11
C ASP A 222 22.79 13.63 -15.40
N ALA A 223 23.77 14.41 -14.92
CA ALA A 223 24.98 13.88 -14.31
C ALA A 223 25.34 14.69 -13.05
N ASP A 224 24.32 15.11 -12.29
CA ASP A 224 24.49 15.81 -11.03
C ASP A 224 23.50 15.25 -10.01
N ALA A 225 23.98 14.90 -8.83
CA ALA A 225 23.16 14.10 -7.91
C ALA A 225 22.01 14.91 -7.34
N GLN A 226 22.24 16.16 -6.93
CA GLN A 226 21.14 16.99 -6.42
C GLN A 226 20.05 17.17 -7.48
N ASN A 227 20.45 17.54 -8.69
CA ASN A 227 19.51 17.71 -9.80
C ASN A 227 18.68 16.44 -10.02
N LEU A 228 19.34 15.28 -9.98
CA LEU A 228 18.63 14.00 -10.12
C LEU A 228 17.63 13.80 -8.99
N LEU A 229 18.07 14.00 -7.75
CA LEU A 229 17.21 13.68 -6.62
C LEU A 229 16.02 14.64 -6.55
N LEU A 230 16.21 15.89 -6.99
CA LEU A 230 15.07 16.80 -7.07
C LEU A 230 14.09 16.31 -8.11
N GLY A 231 14.59 15.79 -9.24
CA GLY A 231 13.68 15.18 -10.19
C GLY A 231 12.90 14.04 -9.57
N GLY A 232 13.56 13.25 -8.72
CA GLY A 232 12.92 12.09 -8.12
C GLY A 232 11.88 12.48 -7.10
N LEU A 233 12.15 13.52 -6.32
CA LEU A 233 11.13 14.06 -5.41
C LEU A 233 9.89 14.44 -6.20
N ARG A 234 10.10 15.14 -7.32
CA ARG A 234 8.94 15.53 -8.12
C ARG A 234 8.18 14.30 -8.61
N CYS A 235 8.91 13.29 -9.09
CA CYS A 235 8.24 12.08 -9.57
C CYS A 235 7.52 11.36 -8.42
N SER A 236 8.04 11.43 -7.19
CA SER A 236 7.32 10.77 -6.12
C SER A 236 6.02 11.49 -5.81
N LEU A 237 5.98 12.82 -5.94
CA LEU A 237 4.67 13.47 -5.83
C LEU A 237 3.74 13.05 -6.98
N ALA A 238 4.28 12.79 -8.16
CA ALA A 238 3.42 12.20 -9.20
C ALA A 238 2.84 10.88 -8.70
N ASP A 239 3.63 10.12 -7.96
CA ASP A 239 3.11 8.85 -7.43
C ASP A 239 2.03 9.10 -6.37
N LEU A 240 2.31 10.03 -5.45
CA LEU A 240 1.29 10.46 -4.49
C LEU A 240 -0.01 10.77 -5.20
N ALA A 241 0.07 11.47 -6.32
CA ALA A 241 -1.15 11.81 -7.04
C ALA A 241 -1.83 10.56 -7.55
N GLY A 242 -1.05 9.58 -8.02
CA GLY A 242 -1.66 8.33 -8.46
C GLY A 242 -2.40 7.62 -7.34
N CYS A 243 -1.79 7.58 -6.15
CA CYS A 243 -2.43 6.96 -5.00
C CYS A 243 -3.74 7.67 -4.65
N TYR A 244 -3.68 8.99 -4.58
CA TYR A 244 -4.84 9.74 -4.15
C TYR A 244 -5.98 9.64 -5.17
N MET A 245 -5.64 9.75 -6.45
CA MET A 245 -6.61 9.50 -7.51
C MET A 245 -7.25 8.13 -7.37
N GLY A 246 -6.45 7.08 -7.20
CA GLY A 246 -7.01 5.75 -7.10
C GLY A 246 -7.96 5.62 -5.92
N THR A 247 -7.56 6.17 -4.77
CA THR A 247 -8.41 6.12 -3.59
C THR A 247 -9.75 6.82 -3.86
N ASP A 248 -9.68 8.04 -4.40
CA ASP A 248 -10.88 8.84 -4.66
C ASP A 248 -11.79 8.15 -5.67
N LEU A 249 -11.23 7.68 -6.77
CA LEU A 249 -12.04 7.07 -7.81
C LEU A 249 -12.64 5.75 -7.33
N ALA A 250 -11.84 4.93 -6.65
CA ALA A 250 -12.38 3.68 -6.13
C ALA A 250 -13.45 3.94 -5.07
N ASP A 251 -13.32 5.01 -4.31
CA ASP A 251 -14.35 5.33 -3.31
C ASP A 251 -15.64 5.79 -3.98
N ILE A 252 -15.54 6.70 -4.95
CA ILE A 252 -16.70 7.06 -5.77
C ILE A 252 -17.37 5.80 -6.31
N LEU A 253 -16.57 4.90 -6.86
CA LEU A 253 -17.12 3.79 -7.64
C LEU A 253 -17.69 2.69 -6.75
N PHE A 254 -17.03 2.38 -5.63
CA PHE A 254 -17.37 1.20 -4.83
C PHE A 254 -17.74 1.52 -3.39
N GLY A 255 -17.82 2.79 -3.01
CA GLY A 255 -18.18 3.11 -1.64
C GLY A 255 -16.98 3.43 -0.77
N THR A 256 -17.15 4.42 0.10
CA THR A 256 -16.09 4.77 1.03
C THR A 256 -16.07 3.76 2.17
N PRO A 257 -14.91 3.15 2.47
CA PRO A 257 -14.84 2.22 3.61
C PRO A 257 -15.40 2.82 4.88
N ALA A 258 -16.11 1.99 5.63
CA ALA A 258 -16.55 2.27 6.99
C ALA A 258 -16.12 1.09 7.85
N PRO A 259 -15.99 1.29 9.17
CA PRO A 259 -15.50 0.21 10.04
C PRO A 259 -16.22 -1.11 9.80
N VAL A 260 -15.44 -2.19 9.77
CA VAL A 260 -15.97 -3.53 9.61
C VAL A 260 -15.24 -4.48 10.55
N VAL A 261 -15.88 -5.62 10.81
CA VAL A 261 -15.27 -6.73 11.53
C VAL A 261 -15.18 -7.92 10.59
N THR A 262 -13.98 -8.47 10.45
CA THR A 262 -13.80 -9.73 9.74
C THR A 262 -12.64 -10.46 10.43
N GLU A 263 -12.00 -11.38 9.72
CA GLU A 263 -10.91 -12.14 10.29
C GLU A 263 -9.76 -12.21 9.29
N SER A 264 -8.57 -12.55 9.77
CA SER A 264 -7.44 -12.71 8.86
C SER A 264 -6.63 -13.95 9.24
N ASN A 265 -5.71 -14.29 8.34
CA ASN A 265 -4.81 -15.44 8.34
C ASN A 265 -5.47 -16.64 7.65
N LEU A 266 -4.70 -17.72 7.46
CA LEU A 266 -5.15 -18.81 6.58
C LEU A 266 -6.44 -19.44 7.06
N GLY A 267 -6.68 -19.47 8.37
CA GLY A 267 -7.87 -20.06 8.94
C GLY A 267 -9.20 -19.52 8.45
N VAL A 268 -9.17 -18.46 7.62
CA VAL A 268 -10.39 -17.98 6.98
C VAL A 268 -10.77 -18.83 5.78
N LEU A 269 -9.87 -19.71 5.34
CA LEU A 269 -10.19 -20.69 4.31
C LEU A 269 -10.98 -21.83 4.91
N LYS A 270 -11.96 -22.33 4.15
CA LYS A 270 -12.81 -23.42 4.60
C LYS A 270 -12.70 -24.57 3.62
N ALA A 271 -12.56 -25.79 4.14
CA ALA A 271 -12.37 -26.95 3.28
C ALA A 271 -13.65 -27.27 2.49
N ASP A 272 -14.81 -27.06 3.09
CA ASP A 272 -16.08 -27.48 2.51
C ASP A 272 -16.75 -26.40 1.68
N ALA A 273 -16.04 -25.32 1.36
CA ALA A 273 -16.56 -24.27 0.49
C ALA A 273 -15.62 -24.08 -0.68
N VAL A 274 -16.12 -23.43 -1.73
CA VAL A 274 -15.30 -23.00 -2.86
C VAL A 274 -14.50 -21.78 -2.41
N ASN A 275 -13.19 -21.93 -2.33
CA ASN A 275 -12.31 -20.88 -1.81
C ASN A 275 -11.68 -20.14 -3.00
N VAL A 276 -12.05 -18.87 -3.15
CA VAL A 276 -11.63 -18.06 -4.29
C VAL A 276 -10.91 -16.81 -3.76
N ALA A 277 -9.65 -16.67 -4.12
CA ALA A 277 -8.79 -15.60 -3.64
C ALA A 277 -8.67 -14.49 -4.68
N VAL A 278 -8.95 -13.25 -4.25
CA VAL A 278 -8.71 -12.05 -5.04
C VAL A 278 -7.34 -11.51 -4.63
N HIS A 279 -6.45 -11.33 -5.61
CA HIS A 279 -5.04 -11.10 -5.33
C HIS A 279 -4.49 -10.05 -6.28
N GLY A 280 -3.84 -9.02 -5.73
CA GLY A 280 -3.26 -7.96 -6.52
C GLY A 280 -3.53 -6.61 -5.90
N HIS A 281 -3.87 -5.61 -6.72
CA HIS A 281 -4.06 -4.26 -6.22
C HIS A 281 -5.36 -3.62 -6.71
N ASN A 282 -5.83 -3.99 -7.91
CA ASN A 282 -6.89 -3.24 -8.56
C ASN A 282 -8.25 -3.84 -8.21
N PRO A 283 -9.11 -3.13 -7.49
CA PRO A 283 -10.38 -3.72 -7.08
C PRO A 283 -11.47 -3.74 -8.16
N VAL A 284 -11.21 -3.13 -9.34
CA VAL A 284 -12.24 -3.01 -10.38
C VAL A 284 -12.86 -4.36 -10.68
N LEU A 285 -12.04 -5.38 -10.73
CA LEU A 285 -12.46 -6.74 -11.00
C LEU A 285 -13.01 -7.43 -9.76
N SER A 286 -12.24 -7.38 -8.68
CA SER A 286 -12.48 -8.24 -7.53
C SER A 286 -13.68 -7.79 -6.72
N ASP A 287 -14.02 -6.50 -6.76
CA ASP A 287 -15.24 -6.06 -6.10
C ASP A 287 -16.47 -6.66 -6.76
N ILE A 288 -16.47 -6.73 -8.10
CA ILE A 288 -17.53 -7.41 -8.83
C ILE A 288 -17.47 -8.91 -8.57
N ILE A 289 -16.27 -9.48 -8.46
CA ILE A 289 -16.15 -10.88 -8.05
C ILE A 289 -16.89 -11.09 -6.72
N VAL A 290 -16.62 -10.23 -5.75
CA VAL A 290 -17.27 -10.31 -4.43
C VAL A 290 -18.78 -10.28 -4.59
N SER A 291 -19.28 -9.37 -5.41
CA SER A 291 -20.73 -9.20 -5.49
C SER A 291 -21.41 -10.33 -6.25
N VAL A 292 -20.75 -10.90 -7.26
CA VAL A 292 -21.33 -12.00 -8.05
C VAL A 292 -21.27 -13.32 -7.30
N SER A 293 -20.26 -13.48 -6.44
CA SER A 293 -20.09 -14.73 -5.72
C SER A 293 -21.31 -15.06 -4.86
N LYS A 294 -21.93 -14.04 -4.26
CA LYS A 294 -23.09 -14.28 -3.40
C LYS A 294 -24.21 -14.96 -4.17
N GLU A 295 -24.56 -14.43 -5.34
CA GLU A 295 -25.65 -14.99 -6.14
C GLU A 295 -25.27 -16.33 -6.76
N MET A 296 -23.98 -16.62 -6.95
CA MET A 296 -23.61 -17.94 -7.45
C MET A 296 -23.67 -19.05 -6.40
N GLU A 297 -24.29 -18.80 -5.24
CA GLU A 297 -24.42 -19.85 -4.22
C GLU A 297 -25.23 -21.03 -4.74
N ASN A 298 -26.37 -20.75 -5.39
CA ASN A 298 -27.21 -21.81 -5.92
C ASN A 298 -26.38 -22.83 -6.71
N GLU A 299 -25.46 -22.35 -7.54
CA GLU A 299 -24.59 -23.21 -8.32
C GLU A 299 -23.48 -23.82 -7.47
N ALA A 300 -22.99 -23.09 -6.46
CA ALA A 300 -21.96 -23.65 -5.60
C ALA A 300 -22.43 -24.87 -4.83
N ARG A 301 -23.73 -24.93 -4.49
CA ARG A 301 -24.23 -26.05 -3.70
C ARG A 301 -24.23 -27.34 -4.51
N ALA A 302 -24.62 -27.27 -5.78
CA ALA A 302 -24.72 -28.42 -6.69
C ALA A 302 -23.37 -29.14 -6.94
N ALA A 303 -22.33 -28.79 -6.19
CA ALA A 303 -21.05 -29.50 -6.24
C ALA A 303 -20.60 -29.94 -4.85
N GLY A 304 -21.46 -29.84 -3.85
CA GLY A 304 -21.08 -30.22 -2.51
C GLY A 304 -20.28 -29.18 -1.78
N ALA A 305 -20.57 -27.91 -2.01
CA ALA A 305 -19.86 -26.81 -1.37
C ALA A 305 -20.84 -25.97 -0.58
N THR A 306 -20.39 -25.43 0.55
CA THR A 306 -21.25 -24.52 1.32
C THR A 306 -21.46 -23.21 0.60
N GLY A 307 -20.71 -22.93 -0.45
CA GLY A 307 -20.86 -21.72 -1.23
C GLY A 307 -19.53 -21.33 -1.85
N ILE A 308 -19.34 -20.03 -1.99
CA ILE A 308 -18.09 -19.46 -2.47
C ILE A 308 -17.50 -18.65 -1.32
N ASN A 309 -16.27 -18.98 -0.93
CA ASN A 309 -15.58 -18.35 0.19
C ASN A 309 -14.50 -17.45 -0.40
N VAL A 310 -14.84 -16.19 -0.63
CA VAL A 310 -13.94 -15.22 -1.25
C VAL A 310 -13.01 -14.68 -0.17
N VAL A 311 -11.71 -14.90 -0.34
CA VAL A 311 -10.73 -14.32 0.57
C VAL A 311 -9.90 -13.30 -0.18
N GLY A 312 -9.00 -12.64 0.52
CA GLY A 312 -8.15 -11.61 -0.06
C GLY A 312 -6.69 -11.95 0.11
N ILE A 313 -5.90 -11.58 -0.88
CA ILE A 313 -4.44 -11.56 -0.78
C ILE A 313 -4.00 -10.16 -1.18
N CYS A 314 -3.01 -9.64 -0.48
CA CYS A 314 -2.33 -8.38 -0.85
C CYS A 314 -3.37 -7.25 -0.88
N CYS A 315 -3.23 -6.30 -1.80
CA CYS A 315 -3.91 -5.02 -1.68
C CYS A 315 -5.33 -5.04 -2.26
N THR A 316 -5.55 -5.73 -3.38
CA THR A 316 -6.93 -5.98 -3.80
C THR A 316 -7.74 -6.58 -2.65
N GLY A 317 -7.13 -7.54 -1.96
CA GLY A 317 -7.78 -8.13 -0.80
C GLY A 317 -8.05 -7.11 0.28
N ASN A 318 -7.09 -6.22 0.54
CA ASN A 318 -7.36 -5.18 1.54
C ASN A 318 -8.50 -4.27 1.09
N GLU A 319 -8.63 -4.04 -0.22
CA GLU A 319 -9.74 -3.20 -0.71
C GLU A 319 -11.09 -3.84 -0.44
N VAL A 320 -11.22 -5.13 -0.73
CA VAL A 320 -12.49 -5.82 -0.43
C VAL A 320 -12.65 -6.06 1.07
N LEU A 321 -11.56 -6.06 1.84
CA LEU A 321 -11.67 -6.11 3.29
C LEU A 321 -12.15 -4.78 3.86
N MET A 322 -11.76 -3.66 3.24
CA MET A 322 -12.20 -2.35 3.71
C MET A 322 -13.64 -2.09 3.34
N ARG A 323 -14.08 -2.56 2.17
CA ARG A 323 -15.40 -2.20 1.70
C ARG A 323 -16.47 -3.23 2.01
N HIS A 324 -16.12 -4.50 2.20
CA HIS A 324 -17.14 -5.53 2.34
C HIS A 324 -16.86 -6.53 3.45
N GLY A 325 -15.84 -6.31 4.27
CA GLY A 325 -15.53 -7.28 5.30
C GLY A 325 -15.03 -8.60 4.79
N ILE A 326 -14.32 -8.60 3.65
CA ILE A 326 -13.73 -9.83 3.11
C ILE A 326 -12.51 -10.21 3.95
N PRO A 327 -12.44 -11.43 4.46
CA PRO A 327 -11.31 -11.80 5.34
C PRO A 327 -10.01 -11.93 4.55
N ALA A 328 -8.93 -11.36 5.12
CA ALA A 328 -7.61 -11.45 4.51
C ALA A 328 -7.01 -12.83 4.78
N CYS A 329 -6.77 -13.59 3.71
CA CYS A 329 -6.20 -14.92 3.89
C CYS A 329 -4.70 -14.84 4.15
N THR A 330 -3.94 -14.25 3.23
CA THR A 330 -2.52 -13.97 3.50
C THR A 330 -2.09 -12.74 2.73
N HIS A 331 -0.79 -12.44 2.78
CA HIS A 331 -0.20 -11.25 2.17
C HIS A 331 1.23 -11.51 1.71
N SER A 332 1.60 -10.94 0.55
CA SER A 332 2.99 -10.61 0.22
C SER A 332 3.87 -11.85 0.14
N VAL A 333 5.01 -11.89 0.83
CA VAL A 333 6.01 -12.96 0.74
C VAL A 333 5.44 -14.35 1.00
N SER A 334 4.31 -14.44 1.71
CA SER A 334 3.69 -15.72 2.06
C SER A 334 2.48 -16.07 1.20
N GLN A 335 2.26 -15.34 0.10
CA GLN A 335 1.08 -15.59 -0.73
C GLN A 335 1.03 -17.04 -1.22
N GLU A 336 2.16 -17.60 -1.65
CA GLU A 336 2.17 -18.99 -2.10
C GLU A 336 1.66 -19.92 -1.00
N MET A 337 1.95 -19.60 0.27
CA MET A 337 1.53 -20.49 1.34
C MET A 337 0.04 -20.76 1.28
N ALA A 338 -0.74 -19.78 0.82
CA ALA A 338 -2.17 -20.01 0.63
C ALA A 338 -2.38 -21.28 -0.19
N MET A 339 -1.87 -21.30 -1.42
CA MET A 339 -2.05 -22.46 -2.29
C MET A 339 -1.55 -23.75 -1.65
N ILE A 340 -0.59 -23.67 -0.72
CA ILE A 340 0.00 -24.88 -0.16
C ILE A 340 -1.01 -25.65 0.70
N THR A 341 -2.02 -24.98 1.25
CA THR A 341 -3.06 -25.67 2.01
C THR A 341 -3.72 -26.79 1.22
N GLY A 342 -3.72 -26.72 -0.11
CA GLY A 342 -4.48 -27.64 -0.93
C GLY A 342 -5.95 -27.32 -1.06
N ALA A 343 -6.43 -26.30 -0.35
CA ALA A 343 -7.84 -25.90 -0.39
C ALA A 343 -8.10 -24.70 -1.29
N LEU A 344 -7.06 -24.11 -1.90
CA LEU A 344 -7.25 -22.88 -2.68
C LEU A 344 -7.68 -23.24 -4.10
N ASP A 345 -8.95 -22.97 -4.41
CA ASP A 345 -9.50 -23.46 -5.67
C ASP A 345 -9.21 -22.52 -6.85
N ALA A 346 -9.29 -21.20 -6.64
CA ALA A 346 -9.05 -20.24 -7.70
C ALA A 346 -8.30 -19.02 -7.17
N MET A 347 -7.22 -18.65 -7.87
CA MET A 347 -6.45 -17.45 -7.59
C MET A 347 -6.65 -16.49 -8.77
N ILE A 348 -7.31 -15.35 -8.51
CA ILE A 348 -7.71 -14.40 -9.55
C ILE A 348 -6.82 -13.17 -9.43
N LEU A 349 -5.89 -13.01 -10.36
CA LEU A 349 -4.93 -11.92 -10.33
C LEU A 349 -5.37 -10.75 -11.20
N ASP A 350 -4.95 -9.55 -10.82
CA ASP A 350 -4.93 -8.42 -11.75
C ASP A 350 -3.47 -8.05 -12.05
N TYR A 351 -2.82 -7.21 -11.24
CA TYR A 351 -1.39 -6.94 -11.43
C TYR A 351 -0.78 -6.41 -10.14
N GLN A 352 0.56 -6.42 -10.11
CA GLN A 352 1.39 -5.89 -9.02
C GLN A 352 1.46 -6.84 -7.83
N CYS A 353 2.69 -7.19 -7.46
CA CYS A 353 3.03 -7.95 -6.25
C CYS A 353 2.58 -9.40 -6.32
N ILE A 354 2.32 -9.91 -7.53
CA ILE A 354 1.98 -11.32 -7.73
C ILE A 354 3.27 -12.08 -8.03
N GLN A 355 3.64 -12.99 -7.15
CA GLN A 355 4.83 -13.79 -7.41
C GLN A 355 4.54 -14.71 -8.60
N PRO A 356 5.28 -14.60 -9.70
CA PRO A 356 4.96 -15.43 -10.89
C PRO A 356 5.07 -16.93 -10.61
N SER A 357 5.81 -17.30 -9.56
CA SER A 357 5.88 -18.68 -9.09
C SER A 357 4.50 -19.33 -8.89
N VAL A 358 3.47 -18.56 -8.53
CA VAL A 358 2.16 -19.18 -8.32
C VAL A 358 1.75 -20.01 -9.53
N ALA A 359 2.02 -19.50 -10.75
CA ALA A 359 1.71 -20.29 -11.94
C ALA A 359 2.38 -21.66 -11.84
N THR A 360 3.71 -21.65 -11.70
CA THR A 360 4.46 -22.89 -11.56
C THR A 360 3.93 -23.73 -10.40
N ILE A 361 3.54 -23.09 -9.30
CA ILE A 361 3.17 -23.88 -8.13
C ILE A 361 1.79 -24.52 -8.32
N ALA A 362 0.95 -23.94 -9.18
CA ALA A 362 -0.43 -24.41 -9.28
C ALA A 362 -0.52 -25.86 -9.75
N GLU A 363 0.50 -26.37 -10.45
CA GLU A 363 0.43 -27.75 -10.94
C GLU A 363 0.59 -28.77 -9.82
N CYS A 364 1.09 -28.35 -8.66
CA CYS A 364 1.25 -29.26 -7.52
C CYS A 364 0.15 -29.14 -6.49
N THR A 365 -0.42 -27.94 -6.32
CA THR A 365 -1.47 -27.70 -5.32
C THR A 365 -2.88 -27.73 -5.90
N GLY A 366 -3.03 -27.88 -7.22
CA GLY A 366 -4.33 -28.02 -7.81
C GLY A 366 -5.13 -26.75 -7.99
N THR A 367 -4.51 -25.58 -7.90
CA THR A 367 -5.21 -24.31 -7.97
C THR A 367 -5.33 -23.83 -9.42
N THR A 368 -6.50 -23.31 -9.76
CA THR A 368 -6.68 -22.55 -10.99
C THR A 368 -6.18 -21.12 -10.77
N VAL A 369 -5.08 -20.76 -11.43
CA VAL A 369 -4.53 -19.42 -11.36
C VAL A 369 -4.96 -18.66 -12.62
N ILE A 370 -5.68 -17.55 -12.43
CA ILE A 370 -6.36 -16.86 -13.52
C ILE A 370 -5.89 -15.40 -13.56
N THR A 371 -5.24 -15.03 -14.65
CA THR A 371 -4.94 -13.63 -14.90
C THR A 371 -6.08 -13.00 -15.68
N THR A 372 -6.19 -11.69 -15.57
CA THR A 372 -7.32 -11.00 -16.17
C THR A 372 -6.92 -9.74 -16.90
N MET A 373 -5.91 -9.02 -16.41
CA MET A 373 -5.42 -7.80 -17.06
C MET A 373 -4.48 -8.15 -18.21
N GLU A 374 -4.68 -7.49 -19.35
CA GLU A 374 -3.96 -7.89 -20.56
C GLU A 374 -2.48 -7.52 -20.55
N MET A 375 -2.06 -6.54 -19.75
CA MET A 375 -0.65 -6.25 -19.57
C MET A 375 -0.07 -6.95 -18.34
N SER A 376 -0.71 -8.02 -17.87
CA SER A 376 -0.19 -8.76 -16.72
C SER A 376 -0.63 -10.22 -16.80
N LYS A 377 0.05 -10.99 -17.64
CA LYS A 377 -0.15 -12.42 -17.75
C LYS A 377 1.10 -13.15 -17.25
N ILE A 378 0.89 -14.30 -16.62
CA ILE A 378 1.96 -15.18 -16.18
C ILE A 378 1.92 -16.43 -17.05
N THR A 379 3.04 -16.74 -17.70
CA THR A 379 3.15 -18.01 -18.42
C THR A 379 2.83 -19.17 -17.48
N GLY A 380 1.85 -19.99 -17.90
CA GLY A 380 1.32 -21.09 -17.10
C GLY A 380 -0.11 -20.89 -16.67
N ALA A 381 -0.58 -19.65 -16.61
CA ALA A 381 -1.89 -19.36 -16.03
C ALA A 381 -2.96 -19.33 -17.10
N THR A 382 -4.21 -19.43 -16.66
CA THR A 382 -5.35 -19.24 -17.55
C THR A 382 -5.67 -17.75 -17.57
N HIS A 383 -5.95 -17.23 -18.75
CA HIS A 383 -6.28 -15.81 -18.90
C HIS A 383 -7.75 -15.68 -19.26
N VAL A 384 -8.47 -14.92 -18.46
CA VAL A 384 -9.84 -14.50 -18.75
C VAL A 384 -9.79 -13.01 -19.03
N ASN A 385 -10.15 -12.63 -20.26
CA ASN A 385 -10.04 -11.23 -20.69
C ASN A 385 -11.18 -10.42 -20.10
N PHE A 386 -10.90 -9.74 -18.98
CA PHE A 386 -11.89 -8.90 -18.33
C PHE A 386 -11.97 -7.53 -19.00
N ALA A 387 -13.19 -7.01 -19.10
CA ALA A 387 -13.41 -5.62 -19.50
C ALA A 387 -14.64 -5.11 -18.76
N GLU A 388 -14.58 -3.85 -18.30
CA GLU A 388 -15.60 -3.30 -17.41
C GLU A 388 -17.01 -3.47 -17.98
N GLU A 389 -17.13 -3.51 -19.30
CA GLU A 389 -18.44 -3.54 -19.94
C GLU A 389 -19.13 -4.89 -19.77
N ALA A 390 -18.36 -5.99 -19.74
CA ALA A 390 -18.90 -7.35 -19.64
C ALA A 390 -18.53 -8.03 -18.32
N ALA A 391 -18.35 -7.22 -17.27
CA ALA A 391 -17.87 -7.69 -15.97
C ALA A 391 -18.54 -8.98 -15.52
N VAL A 392 -19.85 -8.93 -15.28
CA VAL A 392 -20.56 -10.09 -14.75
C VAL A 392 -20.31 -11.32 -15.62
N GLU A 393 -20.41 -11.16 -16.95
CA GLU A 393 -20.27 -12.33 -17.83
C GLU A 393 -18.93 -13.04 -17.62
N ASN A 394 -17.87 -12.28 -17.31
CA ASN A 394 -16.58 -12.92 -17.07
C ASN A 394 -16.47 -13.43 -15.64
N ALA A 395 -17.03 -12.69 -14.68
CA ALA A 395 -16.96 -13.10 -13.28
C ALA A 395 -17.49 -14.52 -13.11
N LYS A 396 -18.71 -14.74 -13.58
CA LYS A 396 -19.26 -16.10 -13.58
C LYS A 396 -18.30 -17.07 -14.25
N GLN A 397 -17.80 -16.73 -15.44
CA GLN A 397 -16.87 -17.61 -16.14
C GLN A 397 -15.73 -18.05 -15.24
N ILE A 398 -15.20 -17.12 -14.44
CA ILE A 398 -14.09 -17.46 -13.54
C ILE A 398 -14.59 -18.32 -12.38
N LEU A 399 -15.70 -17.90 -11.77
CA LEU A 399 -16.21 -18.62 -10.60
C LEU A 399 -16.66 -20.03 -10.97
N ARG A 400 -17.31 -20.22 -12.12
CA ARG A 400 -17.58 -21.59 -12.60
C ARG A 400 -16.30 -22.42 -12.51
N LEU A 401 -15.21 -21.92 -13.09
CA LEU A 401 -13.95 -22.66 -13.04
C LEU A 401 -13.56 -22.96 -11.59
N ALA A 402 -13.71 -21.97 -10.70
CA ALA A 402 -13.45 -22.20 -9.28
C ALA A 402 -14.24 -23.41 -8.76
N ILE A 403 -15.56 -23.41 -8.97
CA ILE A 403 -16.35 -24.52 -8.49
C ILE A 403 -15.90 -25.81 -9.17
N ASP A 404 -15.53 -25.72 -10.46
CA ASP A 404 -15.03 -26.90 -11.15
C ASP A 404 -13.87 -27.53 -10.40
N THR A 405 -12.92 -26.69 -9.94
CA THR A 405 -11.78 -27.21 -9.21
C THR A 405 -12.18 -27.80 -7.86
N PHE A 406 -13.21 -27.23 -7.21
CA PHE A 406 -13.71 -27.82 -5.98
C PHE A 406 -14.27 -29.22 -6.20
N LYS A 407 -14.68 -29.55 -7.43
CA LYS A 407 -15.04 -30.93 -7.74
C LYS A 407 -13.83 -31.85 -7.66
N ARG A 408 -12.71 -31.42 -8.24
CA ARG A 408 -11.54 -32.30 -8.36
C ARG A 408 -10.95 -32.65 -7.01
N ARG A 409 -11.13 -31.78 -6.01
CA ARG A 409 -10.54 -31.96 -4.69
C ARG A 409 -11.57 -32.36 -3.64
N LYS A 410 -12.79 -32.71 -4.04
CA LYS A 410 -13.78 -33.20 -3.09
C LYS A 410 -13.30 -34.49 -2.45
N GLY A 411 -13.35 -34.55 -1.12
CA GLY A 411 -12.95 -35.73 -0.37
C GLY A 411 -11.48 -36.10 -0.45
N LYS A 412 -10.60 -35.11 -0.32
CA LYS A 412 -9.15 -35.29 -0.40
C LYS A 412 -8.50 -34.39 0.64
N PRO A 413 -7.28 -34.75 1.15
CA PRO A 413 -6.81 -34.17 2.41
C PRO A 413 -6.28 -32.75 2.23
N VAL A 414 -7.02 -31.78 2.77
CA VAL A 414 -6.53 -30.40 2.90
C VAL A 414 -5.92 -30.21 4.28
N GLU A 415 -4.87 -29.40 4.33
CA GLU A 415 -4.27 -28.96 5.58
C GLU A 415 -4.38 -27.44 5.63
N ILE A 416 -5.42 -26.95 6.28
CA ILE A 416 -5.58 -25.54 6.61
C ILE A 416 -5.14 -25.34 8.06
N PRO A 417 -4.11 -24.55 8.33
CA PRO A 417 -3.80 -24.23 9.73
C PRO A 417 -4.99 -23.51 10.35
N ASN A 418 -5.42 -23.98 11.52
CA ASN A 418 -6.56 -23.36 12.17
C ASN A 418 -6.11 -22.13 12.95
N ILE A 419 -5.41 -21.22 12.26
CA ILE A 419 -4.91 -19.98 12.88
C ILE A 419 -5.58 -18.80 12.19
N LYS A 420 -6.34 -18.03 12.96
CA LYS A 420 -6.92 -16.82 12.42
C LYS A 420 -7.17 -15.84 13.56
N THR A 421 -7.21 -14.55 13.21
CA THR A 421 -7.33 -13.46 14.15
C THR A 421 -8.56 -12.62 13.80
N LYS A 422 -9.04 -11.89 14.80
CA LYS A 422 -10.14 -10.97 14.65
C LYS A 422 -9.58 -9.64 14.17
N VAL A 423 -10.17 -9.08 13.11
CA VAL A 423 -9.71 -7.84 12.50
C VAL A 423 -10.87 -6.86 12.50
N VAL A 424 -10.66 -5.70 13.11
CA VAL A 424 -11.52 -4.54 12.90
C VAL A 424 -10.77 -3.61 11.98
N ALA A 425 -11.39 -3.26 10.85
CA ALA A 425 -10.73 -2.41 9.89
C ALA A 425 -11.73 -1.44 9.28
N GLY A 426 -11.46 -0.99 8.05
CA GLY A 426 -12.34 -0.05 7.39
C GLY A 426 -12.24 1.37 7.90
N PHE A 427 -11.08 1.79 8.42
CA PHE A 427 -10.91 3.14 8.95
C PHE A 427 -10.38 4.11 7.88
N SER A 428 -11.26 4.43 6.94
CA SER A 428 -10.97 5.53 6.05
C SER A 428 -10.84 6.82 6.86
N THR A 429 -10.29 7.86 6.23
CA THR A 429 -10.21 9.16 6.88
C THR A 429 -11.61 9.71 7.20
N GLU A 430 -12.58 9.44 6.34
CA GLU A 430 -13.95 9.82 6.65
C GLU A 430 -14.47 9.06 7.87
N ALA A 431 -14.28 7.73 7.91
CA ALA A 431 -14.69 6.96 9.07
C ALA A 431 -14.05 7.47 10.33
N ILE A 432 -12.77 7.88 10.26
CA ILE A 432 -12.07 8.34 11.46
C ILE A 432 -12.60 9.70 11.90
N ILE A 433 -12.98 10.54 10.93
CA ILE A 433 -13.49 11.87 11.28
C ILE A 433 -14.89 11.74 11.84
N ASN A 434 -15.66 10.80 11.31
CA ASN A 434 -16.96 10.49 11.88
C ASN A 434 -16.82 9.92 13.28
N ALA A 435 -15.81 9.07 13.47
CA ALA A 435 -15.61 8.46 14.79
C ALA A 435 -15.24 9.52 15.82
N LEU A 436 -14.42 10.50 15.41
CA LEU A 436 -14.06 11.57 16.33
C LEU A 436 -15.22 12.53 16.56
N SER A 437 -16.12 12.64 15.58
CA SER A 437 -17.20 13.61 15.71
C SER A 437 -18.09 13.32 16.92
N LYS A 438 -18.28 12.04 17.28
CA LYS A 438 -19.13 11.72 18.42
C LYS A 438 -18.59 12.29 19.73
N LEU A 439 -17.32 12.67 19.76
CA LEU A 439 -16.76 13.45 20.87
C LEU A 439 -16.91 14.96 20.69
N ASN A 440 -17.12 15.43 19.45
CA ASN A 440 -17.23 16.86 19.15
C ASN A 440 -17.81 17.05 17.75
N ALA A 441 -19.07 17.47 17.66
CA ALA A 441 -19.79 17.40 16.38
C ALA A 441 -19.28 18.42 15.37
N ASN A 442 -18.92 19.63 15.82
CA ASN A 442 -18.56 20.71 14.91
C ASN A 442 -17.06 20.95 14.82
N ASP A 443 -16.25 20.25 15.61
CA ASP A 443 -14.79 20.33 15.54
C ASP A 443 -14.25 18.92 15.72
N PRO A 444 -14.53 18.01 14.76
CA PRO A 444 -14.15 16.61 14.96
C PRO A 444 -12.67 16.37 15.15
N LEU A 445 -11.80 17.20 14.60
CA LEU A 445 -10.37 16.97 14.82
C LEU A 445 -9.91 17.49 16.18
N LYS A 446 -10.68 18.38 16.80
CA LYS A 446 -10.32 18.93 18.12
C LYS A 446 -9.99 17.87 19.16
N PRO A 447 -10.75 16.78 19.34
CA PRO A 447 -10.38 15.82 20.41
C PRO A 447 -9.05 15.12 20.15
N LEU A 448 -8.80 14.74 18.89
CA LEU A 448 -7.52 14.15 18.55
C LEU A 448 -6.39 15.15 18.81
N ILE A 449 -6.60 16.42 18.43
CA ILE A 449 -5.57 17.41 18.68
C ILE A 449 -5.35 17.58 20.19
N ASP A 450 -6.43 17.65 20.95
CA ASP A 450 -6.30 17.83 22.40
C ASP A 450 -5.48 16.72 23.03
N ASN A 451 -5.76 15.47 22.67
CA ASN A 451 -5.01 14.35 23.25
C ASN A 451 -3.58 14.27 22.73
N VAL A 452 -3.30 14.79 21.53
CA VAL A 452 -1.90 14.99 21.18
C VAL A 452 -1.27 15.99 22.14
N VAL A 453 -1.95 17.12 22.36
CA VAL A 453 -1.32 18.25 23.04
C VAL A 453 -1.05 17.91 24.50
N ASN A 454 -1.86 17.04 25.10
CA ASN A 454 -1.66 16.68 26.49
C ASN A 454 -0.94 15.35 26.68
N GLY A 455 -0.33 14.79 25.63
CA GLY A 455 0.50 13.60 25.76
C GLY A 455 -0.21 12.27 25.65
N ASN A 456 -1.55 12.25 25.65
CA ASN A 456 -2.25 10.97 25.53
C ASN A 456 -1.96 10.30 24.20
N ILE A 457 -1.72 11.08 23.15
CA ILE A 457 -1.18 10.60 21.88
C ILE A 457 0.18 11.26 21.72
N ARG A 458 1.24 10.44 21.67
CA ARG A 458 2.55 11.05 21.53
C ARG A 458 2.74 11.60 20.12
N GLY A 459 2.22 10.88 19.13
CA GLY A 459 2.35 11.27 17.75
C GLY A 459 1.56 10.28 16.91
N VAL A 460 1.70 10.39 15.59
CA VAL A 460 1.07 9.47 14.65
C VAL A 460 2.14 8.81 13.80
N CYS A 461 2.05 7.48 13.65
CA CYS A 461 2.94 6.70 12.80
C CYS A 461 2.16 5.85 11.82
N LEU A 462 2.51 5.96 10.54
CA LEU A 462 1.91 5.21 9.46
C LEU A 462 2.86 4.08 9.05
N PHE A 463 2.41 2.83 9.19
CA PHE A 463 3.12 1.69 8.65
C PHE A 463 2.59 1.42 7.26
N ALA A 464 3.51 1.25 6.30
CA ALA A 464 3.21 1.17 4.87
C ALA A 464 4.06 0.09 4.23
N GLY A 465 3.65 -0.32 3.02
CA GLY A 465 4.49 -1.20 2.24
C GLY A 465 4.32 -2.68 2.52
N CYS A 466 5.28 -3.44 2.02
CA CYS A 466 5.21 -4.88 1.76
C CYS A 466 6.02 -5.69 2.79
N ASN A 467 6.00 -7.01 2.64
CA ASN A 467 7.00 -7.86 3.25
C ASN A 467 8.22 -8.01 2.32
N ASN A 468 9.35 -8.38 2.90
CA ASN A 468 10.57 -8.59 2.14
C ASN A 468 11.22 -9.88 2.62
N VAL A 469 11.63 -10.72 1.66
CA VAL A 469 12.17 -12.04 1.99
C VAL A 469 13.42 -11.91 2.86
N LYS A 470 14.08 -10.75 2.84
CA LYS A 470 15.31 -10.58 3.62
C LYS A 470 15.01 -10.42 5.11
N VAL A 471 13.76 -10.14 5.47
CA VAL A 471 13.43 -9.87 6.86
C VAL A 471 12.45 -10.96 7.29
N PRO A 472 12.61 -11.57 8.45
CA PRO A 472 11.61 -12.55 8.88
C PRO A 472 10.24 -11.91 8.90
N GLN A 473 9.31 -12.52 8.17
CA GLN A 473 8.02 -11.89 7.89
C GLN A 473 7.36 -11.33 9.15
N ASP A 474 7.06 -10.04 9.11
CA ASP A 474 6.32 -9.26 10.10
C ASP A 474 7.16 -8.86 11.32
N GLN A 475 8.42 -9.28 11.41
CA GLN A 475 9.23 -9.03 12.60
C GLN A 475 9.49 -7.54 12.82
N ASN A 476 9.88 -6.81 11.78
CA ASN A 476 10.08 -5.38 11.96
C ASN A 476 8.76 -4.68 12.26
N PHE A 477 7.70 -5.01 11.50
CA PHE A 477 6.40 -4.42 11.76
C PHE A 477 5.98 -4.62 13.21
N THR A 478 5.96 -5.86 13.67
CA THR A 478 5.39 -6.09 15.00
C THR A 478 6.29 -5.51 16.09
N THR A 479 7.61 -5.63 15.93
CA THR A 479 8.50 -5.10 16.95
C THR A 479 8.36 -3.58 17.06
N ILE A 480 8.43 -2.88 15.92
CA ILE A 480 8.37 -1.43 15.95
C ILE A 480 7.00 -0.98 16.44
N ALA A 481 5.94 -1.65 15.98
CA ALA A 481 4.60 -1.30 16.44
C ALA A 481 4.51 -1.48 17.95
N ARG A 482 5.18 -2.49 18.50
CA ARG A 482 5.07 -2.75 19.92
C ARG A 482 5.66 -1.60 20.74
N LYS A 483 6.89 -1.19 20.38
CA LYS A 483 7.45 -0.03 21.08
C LYS A 483 6.56 1.22 20.92
N LEU A 484 6.09 1.49 19.69
CA LEU A 484 5.37 2.74 19.46
C LEU A 484 4.04 2.77 20.19
N LEU A 485 3.28 1.67 20.17
CA LEU A 485 2.02 1.61 20.90
C LEU A 485 2.26 1.79 22.39
N LYS A 486 3.24 1.07 22.94
CA LYS A 486 3.54 1.27 24.35
C LYS A 486 3.99 2.69 24.66
N GLN A 487 4.31 3.51 23.66
CA GLN A 487 4.64 4.91 23.92
C GLN A 487 3.52 5.89 23.59
N ASN A 488 2.27 5.40 23.51
CA ASN A 488 1.10 6.24 23.18
C ASN A 488 1.24 6.94 21.83
N VAL A 489 1.72 6.21 20.83
CA VAL A 489 1.74 6.69 19.45
C VAL A 489 0.54 6.09 18.74
N LEU A 490 -0.32 6.94 18.17
CA LEU A 490 -1.38 6.45 17.31
C LEU A 490 -0.78 5.81 16.07
N VAL A 491 -1.09 4.54 15.84
CA VAL A 491 -0.52 3.78 14.73
C VAL A 491 -1.62 3.50 13.71
N VAL A 492 -1.38 3.89 12.46
CA VAL A 492 -2.25 3.57 11.34
C VAL A 492 -1.40 2.81 10.33
N ALA A 493 -2.06 2.01 9.49
CA ALA A 493 -1.30 1.07 8.68
C ALA A 493 -2.05 0.76 7.40
N THR A 494 -1.29 0.45 6.35
CA THR A 494 -1.86 0.23 5.03
C THR A 494 -1.17 -0.96 4.38
N GLY A 495 -1.78 -1.45 3.30
CA GLY A 495 -1.20 -2.50 2.50
C GLY A 495 -0.73 -3.66 3.33
N CYS A 496 0.43 -4.18 2.97
CA CYS A 496 0.97 -5.31 3.71
C CYS A 496 1.50 -4.91 5.08
N GLY A 497 1.63 -3.63 5.36
CA GLY A 497 1.85 -3.23 6.75
C GLY A 497 0.64 -3.57 7.60
N ALA A 498 -0.53 -3.16 7.13
CA ALA A 498 -1.77 -3.51 7.80
C ALA A 498 -1.94 -5.02 7.83
N GLY A 499 -1.55 -5.71 6.76
CA GLY A 499 -1.59 -7.17 6.78
C GLY A 499 -0.75 -7.79 7.89
N ALA A 500 0.50 -7.33 8.02
CA ALA A 500 1.38 -7.89 9.04
C ALA A 500 0.83 -7.64 10.44
N LEU A 501 0.28 -6.44 10.67
CA LEU A 501 -0.20 -6.16 12.02
C LEU A 501 -1.48 -6.92 12.33
N MET A 502 -2.40 -7.00 11.36
CA MET A 502 -3.65 -7.69 11.64
C MET A 502 -3.44 -9.20 11.81
N ARG A 503 -2.45 -9.79 11.14
CA ARG A 503 -2.27 -11.23 11.35
C ARG A 503 -1.63 -11.55 12.68
N HIS A 504 -1.23 -10.56 13.47
CA HIS A 504 -0.63 -10.81 14.77
C HIS A 504 -1.45 -10.23 15.90
N GLY A 505 -2.71 -9.88 15.63
CA GLY A 505 -3.63 -9.43 16.64
C GLY A 505 -3.77 -7.93 16.79
N PHE A 506 -3.04 -7.14 16.00
CA PHE A 506 -3.01 -5.72 16.29
C PHE A 506 -4.25 -5.00 15.81
N MET A 507 -5.16 -5.67 15.12
CA MET A 507 -6.43 -5.08 14.71
C MET A 507 -7.60 -5.65 15.50
N ASP A 508 -7.33 -6.13 16.71
CA ASP A 508 -8.31 -6.72 17.61
C ASP A 508 -8.43 -5.84 18.85
N PRO A 509 -9.60 -5.25 19.10
CA PRO A 509 -9.77 -4.41 20.31
C PRO A 509 -9.40 -5.13 21.59
N ALA A 510 -9.68 -6.44 21.70
CA ALA A 510 -9.35 -7.19 22.90
C ALA A 510 -7.86 -7.17 23.25
N ASN A 511 -6.99 -6.61 22.40
CA ASN A 511 -5.57 -6.57 22.70
C ASN A 511 -5.08 -5.18 23.10
N VAL A 512 -5.97 -4.18 23.13
CA VAL A 512 -5.59 -2.83 23.53
C VAL A 512 -4.84 -2.87 24.86
N ASP A 513 -5.43 -3.56 25.85
CA ASP A 513 -4.85 -3.67 27.18
C ASP A 513 -3.40 -4.09 27.14
N GLU A 514 -3.10 -5.15 26.39
CA GLU A 514 -1.71 -5.60 26.38
C GLU A 514 -0.81 -4.70 25.55
N LEU A 515 -1.34 -4.09 24.48
CA LEU A 515 -0.38 -3.48 23.56
C LEU A 515 -0.18 -2.00 23.84
N CYS A 516 -1.25 -1.29 24.16
CA CYS A 516 -1.24 0.16 24.15
C CYS A 516 -0.89 0.72 25.52
N GLY A 517 -0.07 1.76 25.53
CA GLY A 517 0.14 2.54 26.73
C GLY A 517 -1.15 3.20 27.21
N ASP A 518 -1.09 3.72 28.45
CA ASP A 518 -2.29 4.12 29.17
C ASP A 518 -3.04 5.23 28.43
N GLY A 519 -2.33 6.27 27.98
CA GLY A 519 -3.00 7.39 27.34
C GLY A 519 -3.68 6.99 26.03
N LEU A 520 -2.92 6.34 25.15
CA LEU A 520 -3.51 5.82 23.92
C LEU A 520 -4.71 4.95 24.22
N LYS A 521 -4.57 4.04 25.19
CA LYS A 521 -5.66 3.20 25.62
C LYS A 521 -6.89 4.05 25.95
N ALA A 522 -6.67 5.14 26.69
CA ALA A 522 -7.78 5.99 27.10
C ALA A 522 -8.49 6.57 25.88
N VAL A 523 -7.72 7.06 24.90
CA VAL A 523 -8.33 7.71 23.73
C VAL A 523 -9.06 6.68 22.86
N LEU A 524 -8.41 5.54 22.60
CA LEU A 524 -9.06 4.50 21.82
C LEU A 524 -10.35 4.04 22.50
N THR A 525 -10.33 3.99 23.83
CA THR A 525 -11.50 3.61 24.60
C THR A 525 -12.60 4.67 24.53
N ALA A 526 -12.24 5.95 24.71
CA ALA A 526 -13.23 7.01 24.65
C ALA A 526 -13.96 7.00 23.32
N ILE A 527 -13.21 6.97 22.22
CA ILE A 527 -13.83 6.95 20.89
C ILE A 527 -14.68 5.70 20.71
N GLY A 528 -14.17 4.53 21.11
CA GLY A 528 -14.95 3.31 20.99
C GLY A 528 -16.27 3.37 21.73
N GLU A 529 -16.23 3.66 23.04
CA GLU A 529 -17.48 3.72 23.80
C GLU A 529 -18.40 4.82 23.27
N ALA A 530 -17.84 5.87 22.68
CA ALA A 530 -18.69 6.91 22.13
C ALA A 530 -19.21 6.57 20.73
N ASN A 531 -18.79 5.46 20.15
CA ASN A 531 -19.30 5.07 18.83
C ASN A 531 -20.17 3.81 18.89
N GLY A 532 -20.87 3.60 20.01
CA GLY A 532 -21.89 2.57 20.10
C GLY A 532 -21.38 1.15 20.25
N LEU A 533 -20.42 0.92 21.14
CA LEU A 533 -19.81 -0.40 21.30
C LEU A 533 -19.51 -0.78 22.74
N GLY A 534 -19.22 0.17 23.62
CA GLY A 534 -18.72 -0.17 24.93
C GLY A 534 -17.33 -0.77 24.92
N GLY A 535 -16.69 -0.82 23.77
CA GLY A 535 -15.34 -1.31 23.65
C GLY A 535 -14.50 -0.34 22.84
N PRO A 536 -13.17 -0.44 22.98
CA PRO A 536 -12.28 0.52 22.32
C PRO A 536 -12.01 0.18 20.86
N LEU A 537 -11.58 1.21 20.13
CA LEU A 537 -11.10 1.01 18.77
C LEU A 537 -9.96 0.00 18.78
N PRO A 538 -9.66 -0.60 17.64
CA PRO A 538 -8.52 -1.53 17.59
C PRO A 538 -7.23 -0.82 17.96
N PRO A 539 -6.17 -1.54 18.26
CA PRO A 539 -4.91 -0.87 18.61
C PRO A 539 -4.21 -0.25 17.42
N VAL A 540 -4.51 -0.69 16.20
CA VAL A 540 -3.95 -0.14 14.97
C VAL A 540 -5.11 0.19 14.04
N LEU A 541 -5.04 1.36 13.41
CA LEU A 541 -6.12 1.77 12.51
C LEU A 541 -5.73 1.30 11.11
N HIS A 542 -6.45 0.32 10.60
CA HIS A 542 -6.26 -0.15 9.24
C HIS A 542 -6.89 0.84 8.28
N MET A 543 -6.09 1.43 7.39
CA MET A 543 -6.60 2.47 6.50
C MET A 543 -6.74 2.04 5.06
N GLY A 544 -6.37 0.80 4.73
CA GLY A 544 -6.65 0.24 3.42
C GLY A 544 -5.38 -0.27 2.73
N SER A 545 -5.33 -0.04 1.42
CA SER A 545 -4.36 -0.63 0.51
C SER A 545 -3.20 0.33 0.25
N CYS A 546 -2.38 0.00 -0.73
CA CYS A 546 -1.19 0.79 -0.97
C CYS A 546 -1.54 2.21 -1.40
N VAL A 547 -2.45 2.36 -2.36
CA VAL A 547 -2.84 3.71 -2.75
C VAL A 547 -3.52 4.43 -1.60
N ASP A 548 -4.16 3.67 -0.68
CA ASP A 548 -4.81 4.29 0.46
C ASP A 548 -3.82 4.88 1.46
N ASN A 549 -2.50 4.80 1.24
CA ASN A 549 -1.58 5.69 1.95
C ASN A 549 -2.04 7.14 1.79
N SER A 550 -2.61 7.45 0.62
CA SER A 550 -3.26 8.74 0.42
C SER A 550 -4.21 9.11 1.57
N ARG A 551 -4.95 8.14 2.10
CA ARG A 551 -5.87 8.46 3.19
C ARG A 551 -5.11 9.09 4.36
N ALA A 552 -3.97 8.50 4.72
CA ALA A 552 -3.25 9.03 5.86
C ALA A 552 -2.70 10.43 5.55
N VAL A 553 -2.52 10.74 4.27
CA VAL A 553 -2.17 12.11 3.89
C VAL A 553 -3.37 13.02 4.14
N ALA A 554 -4.54 12.62 3.64
CA ALA A 554 -5.76 13.38 3.85
C ALA A 554 -5.95 13.70 5.33
N LEU A 555 -5.75 12.71 6.21
CA LEU A 555 -5.87 12.98 7.64
C LEU A 555 -4.80 13.95 8.10
N VAL A 556 -3.54 13.64 7.78
CA VAL A 556 -2.43 14.46 8.26
C VAL A 556 -2.55 15.89 7.74
N ALA A 557 -2.87 16.04 6.45
CA ALA A 557 -3.18 17.36 5.90
C ALA A 557 -4.27 18.04 6.72
N ALA A 558 -5.39 17.34 6.94
CA ALA A 558 -6.47 17.93 7.74
C ALA A 558 -5.93 18.37 9.07
N LEU A 559 -5.13 17.50 9.71
CA LEU A 559 -4.57 17.87 11.00
C LEU A 559 -3.79 19.16 10.87
N ALA A 560 -2.87 19.20 9.89
CA ALA A 560 -2.06 20.40 9.69
C ALA A 560 -2.96 21.59 9.53
N ASN A 561 -4.00 21.45 8.70
CA ASN A 561 -4.84 22.58 8.40
C ASN A 561 -5.59 23.04 9.63
N ARG A 562 -6.09 22.09 10.42
CA ARG A 562 -6.86 22.48 11.58
C ARG A 562 -5.98 23.21 12.58
N LEU A 563 -4.66 23.09 12.46
CA LEU A 563 -3.72 23.71 13.38
C LEU A 563 -2.95 24.84 12.75
N GLY A 564 -3.13 25.06 11.45
CA GLY A 564 -2.38 26.08 10.74
C GLY A 564 -0.88 25.93 10.73
N VAL A 565 -0.36 24.72 10.51
CA VAL A 565 1.08 24.54 10.27
C VAL A 565 1.30 23.55 9.13
N ASP A 566 2.52 23.57 8.60
CA ASP A 566 2.93 22.60 7.59
C ASP A 566 3.09 21.22 8.23
N LEU A 567 3.12 20.19 7.38
CA LEU A 567 3.26 18.83 7.89
C LEU A 567 4.61 18.58 8.55
N ASP A 568 5.63 19.34 8.18
CA ASP A 568 6.95 19.11 8.76
C ASP A 568 7.08 19.68 10.15
N ARG A 569 5.95 20.02 10.77
CA ARG A 569 5.93 20.38 12.17
C ARG A 569 5.05 19.47 13.00
N LEU A 570 4.27 18.57 12.38
CA LEU A 570 3.41 17.66 13.11
C LEU A 570 4.19 16.43 13.59
N PRO A 571 3.86 15.90 14.77
CA PRO A 571 4.53 14.67 15.22
C PRO A 571 4.01 13.44 14.49
N VAL A 572 4.11 13.48 13.16
CA VAL A 572 3.76 12.37 12.29
C VAL A 572 5.05 11.83 11.70
N VAL A 573 5.14 10.51 11.60
CA VAL A 573 6.25 9.85 10.95
C VAL A 573 5.69 8.68 10.16
N ALA A 574 6.58 8.02 9.42
CA ALA A 574 6.18 6.90 8.57
C ALA A 574 7.27 5.84 8.56
N SER A 575 6.87 4.59 8.34
CA SER A 575 7.81 3.47 8.39
C SER A 575 7.43 2.46 7.33
N ALA A 576 8.32 2.29 6.33
CA ALA A 576 8.24 1.15 5.41
C ALA A 576 9.14 0.07 6.02
N ALA A 577 8.58 -0.62 7.02
CA ALA A 577 9.41 -1.37 7.94
C ALA A 577 10.12 -2.53 7.25
N GLU A 578 9.55 -3.05 6.17
CA GLU A 578 10.08 -4.22 5.46
C GLU A 578 9.91 -4.04 3.94
N ALA A 579 10.27 -2.86 3.43
CA ALA A 579 9.99 -2.48 2.06
C ALA A 579 10.61 -3.43 1.03
N MET A 580 10.07 -3.39 -0.18
CA MET A 580 10.58 -4.31 -1.18
C MET A 580 10.36 -3.80 -2.61
N HIS A 581 9.15 -3.36 -2.94
CA HIS A 581 8.74 -3.06 -4.31
C HIS A 581 9.05 -1.60 -4.67
N GLU A 582 9.09 -1.31 -5.97
CA GLU A 582 9.43 0.03 -6.40
C GLU A 582 8.37 1.04 -5.96
N LYS A 583 7.11 0.59 -5.92
CA LYS A 583 6.02 1.37 -5.35
C LYS A 583 6.39 1.90 -3.98
N ALA A 584 7.05 1.06 -3.19
CA ALA A 584 7.39 1.45 -1.81
C ALA A 584 8.44 2.54 -1.80
N VAL A 585 9.39 2.48 -2.71
CA VAL A 585 10.39 3.53 -2.81
C VAL A 585 9.74 4.86 -3.18
N ALA A 586 8.85 4.85 -4.19
CA ALA A 586 8.16 6.09 -4.51
C ALA A 586 7.37 6.63 -3.30
N ILE A 587 6.74 5.72 -2.55
CA ILE A 587 5.96 6.14 -1.39
C ILE A 587 6.84 6.72 -0.29
N GLY A 588 7.94 6.05 0.03
CA GLY A 588 8.87 6.60 1.00
C GLY A 588 9.37 7.96 0.57
N THR A 589 9.64 8.11 -0.72
CA THR A 589 10.18 9.37 -1.17
C THR A 589 9.16 10.48 -1.11
N TRP A 590 7.87 10.18 -1.33
CA TRP A 590 6.91 11.27 -1.22
C TRP A 590 6.43 11.49 0.20
N ALA A 591 6.67 10.56 1.12
CA ALA A 591 6.51 10.92 2.52
C ALA A 591 7.61 11.87 2.95
N VAL A 592 8.85 11.62 2.52
CA VAL A 592 9.90 12.58 2.78
C VAL A 592 9.57 13.92 2.12
N THR A 593 8.99 13.86 0.91
CA THR A 593 8.79 15.10 0.18
C THR A 593 7.66 15.95 0.76
N ILE A 594 6.64 15.34 1.36
CA ILE A 594 5.62 16.12 2.02
C ILE A 594 5.98 16.47 3.46
N GLY A 595 7.16 16.12 3.94
CA GLY A 595 7.65 16.62 5.23
C GLY A 595 7.90 15.56 6.29
N LEU A 596 7.49 14.36 6.10
CA LEU A 596 7.50 13.37 7.16
C LEU A 596 8.89 12.80 7.36
N PRO A 597 9.30 12.56 8.59
CA PRO A 597 10.44 11.65 8.80
C PRO A 597 10.01 10.23 8.47
N THR A 598 10.82 9.54 7.66
CA THR A 598 10.42 8.33 6.96
C THR A 598 11.46 7.23 7.16
N HIS A 599 11.14 6.25 7.99
CA HIS A 599 12.05 5.12 8.22
C HIS A 599 11.83 4.08 7.14
N ILE A 600 12.91 3.42 6.74
CA ILE A 600 12.80 2.28 5.85
C ILE A 600 13.65 1.14 6.43
N GLY A 601 13.02 -0.01 6.61
CA GLY A 601 13.64 -1.11 7.35
C GLY A 601 14.41 -2.13 6.54
N VAL A 602 14.65 -1.85 5.26
CA VAL A 602 15.50 -2.63 4.37
C VAL A 602 16.39 -1.63 3.66
N LEU A 603 17.58 -2.07 3.27
CA LEU A 603 18.48 -1.19 2.56
C LEU A 603 17.91 -0.83 1.19
N PRO A 604 17.69 0.44 0.89
CA PRO A 604 17.60 0.85 -0.50
C PRO A 604 18.99 0.92 -1.08
N PRO A 605 19.15 0.93 -2.40
CA PRO A 605 20.53 0.81 -2.89
C PRO A 605 21.17 2.18 -3.03
N ILE A 606 21.56 2.75 -1.89
CA ILE A 606 22.10 4.11 -1.82
C ILE A 606 23.40 4.14 -1.04
N THR A 607 23.76 3.04 -0.40
CA THR A 607 24.92 3.06 0.49
C THR A 607 26.24 3.11 -0.27
N GLY A 608 26.22 2.89 -1.58
CA GLY A 608 27.40 3.11 -2.38
C GLY A 608 27.76 4.55 -2.59
N SER A 609 26.96 5.49 -2.09
CA SER A 609 27.23 6.91 -2.27
C SER A 609 26.91 7.64 -0.96
N LEU A 610 27.95 8.09 -0.28
CA LEU A 610 27.73 8.94 0.89
C LEU A 610 27.05 10.25 0.52
N PRO A 611 27.48 11.00 -0.51
CA PRO A 611 26.72 12.21 -0.87
C PRO A 611 25.21 12.00 -1.02
N VAL A 612 24.78 10.92 -1.69
CA VAL A 612 23.35 10.68 -1.89
C VAL A 612 22.68 10.25 -0.60
N THR A 613 23.33 9.36 0.16
CA THR A 613 22.81 9.00 1.48
C THR A 613 22.63 10.22 2.35
N GLN A 614 23.59 11.15 2.26
CA GLN A 614 23.56 12.35 3.07
C GLN A 614 22.45 13.28 2.61
N ILE A 615 22.25 13.34 1.31
CA ILE A 615 21.16 14.15 0.78
C ILE A 615 19.82 13.61 1.29
N LEU A 616 19.69 12.29 1.37
CA LEU A 616 18.39 11.70 1.66
C LEU A 616 18.11 11.55 3.14
N THR A 617 19.13 11.53 4.00
CA THR A 617 18.88 11.43 5.43
C THR A 617 19.11 12.75 6.16
N SER A 618 19.53 13.80 5.47
CA SER A 618 19.88 15.04 6.15
C SER A 618 19.59 16.27 5.29
N SER A 619 20.38 16.55 4.26
CA SER A 619 20.26 17.86 3.62
C SER A 619 18.88 18.06 3.00
N VAL A 620 18.15 16.98 2.69
CA VAL A 620 16.76 17.15 2.26
C VAL A 620 15.92 17.78 3.36
N LYS A 621 16.33 17.66 4.63
CA LYS A 621 15.63 18.38 5.69
C LYS A 621 15.45 19.83 5.32
N ASP A 622 16.46 20.42 4.67
CA ASP A 622 16.44 21.84 4.39
C ASP A 622 15.52 22.20 3.24
N ILE A 623 15.07 21.22 2.46
CA ILE A 623 14.20 21.47 1.32
C ILE A 623 12.74 21.19 1.66
N THR A 624 12.45 20.03 2.26
CA THR A 624 11.07 19.63 2.50
C THR A 624 10.71 19.46 3.96
N GLY A 625 11.68 19.38 4.86
CA GLY A 625 11.44 19.09 6.25
C GLY A 625 11.36 17.61 6.56
N GLY A 626 11.06 16.78 5.57
CA GLY A 626 11.18 15.34 5.73
C GLY A 626 12.62 14.91 5.55
N TYR A 627 12.85 13.64 5.87
CA TYR A 627 14.15 13.01 5.65
C TYR A 627 13.99 11.50 5.86
N PHE A 628 14.92 10.75 5.25
CA PHE A 628 14.93 9.29 5.40
C PHE A 628 15.66 8.87 6.66
N ILE A 629 15.17 7.83 7.30
CA ILE A 629 15.81 7.15 8.42
C ILE A 629 16.07 5.72 7.97
N VAL A 630 17.32 5.40 7.66
CA VAL A 630 17.73 4.05 7.28
C VAL A 630 18.15 3.32 8.55
N GLU A 631 17.36 2.35 8.97
CA GLU A 631 17.70 1.57 10.15
C GLU A 631 17.16 0.17 9.97
N LEU A 632 18.05 -0.81 10.01
CA LEU A 632 17.68 -2.20 9.77
C LEU A 632 17.33 -2.96 11.04
N ASP A 633 17.67 -2.41 12.22
CA ASP A 633 17.35 -3.07 13.48
C ASP A 633 16.03 -2.51 14.00
N PRO A 634 14.99 -3.34 14.16
CA PRO A 634 13.65 -2.77 14.42
C PRO A 634 13.55 -2.05 15.76
N GLU A 635 14.19 -2.56 16.82
CA GLU A 635 14.24 -1.83 18.09
C GLU A 635 14.90 -0.47 17.93
N THR A 636 16.12 -0.44 17.34
CA THR A 636 16.76 0.83 17.00
C THR A 636 15.85 1.74 16.18
N ALA A 637 15.09 1.16 15.25
CA ALA A 637 14.23 1.98 14.40
C ALA A 637 13.10 2.58 15.22
N ALA A 638 12.55 1.83 16.18
CA ALA A 638 11.53 2.39 17.04
C ALA A 638 12.09 3.52 17.87
N ASP A 639 13.33 3.38 18.35
CA ASP A 639 13.95 4.47 19.10
C ASP A 639 14.06 5.72 18.24
N LYS A 640 14.57 5.57 17.01
CA LYS A 640 14.75 6.75 16.17
C LYS A 640 13.42 7.34 15.74
N LEU A 641 12.40 6.51 15.58
CA LEU A 641 11.08 7.00 15.23
C LEU A 641 10.49 7.81 16.38
N LEU A 642 10.60 7.30 17.61
CA LEU A 642 10.15 8.07 18.76
C LEU A 642 10.96 9.36 18.89
N ALA A 643 12.28 9.28 18.71
CA ALA A 643 13.08 10.48 18.77
C ALA A 643 12.60 11.55 17.80
N ALA A 644 12.23 11.16 16.57
CA ALA A 644 11.76 12.16 15.61
C ALA A 644 10.39 12.70 15.98
N ILE A 645 9.47 11.82 16.37
CA ILE A 645 8.18 12.27 16.89
C ILE A 645 8.36 13.29 18.02
N ASN A 646 9.26 12.98 18.96
CA ASN A 646 9.45 13.84 20.11
C ASN A 646 10.13 15.15 19.73
N GLU A 647 11.00 15.14 18.71
CA GLU A 647 11.57 16.39 18.24
C GLU A 647 10.49 17.29 17.67
N ARG A 648 9.58 16.74 16.88
CA ARG A 648 8.46 17.52 16.38
C ARG A 648 7.60 18.07 17.54
N ARG A 649 7.37 17.24 18.57
CA ARG A 649 6.70 17.75 19.76
C ARG A 649 7.42 18.97 20.32
N ALA A 650 8.73 18.84 20.54
CA ALA A 650 9.51 19.94 21.11
C ALA A 650 9.47 21.17 20.23
N GLY A 651 9.34 20.99 18.92
CA GLY A 651 9.26 22.13 18.02
C GLY A 651 7.94 22.86 18.15
N LEU A 652 6.88 22.14 18.49
CA LEU A 652 5.64 22.82 18.82
C LEU A 652 5.60 23.43 20.21
N GLY A 653 6.69 23.33 20.98
CA GLY A 653 6.66 23.70 22.38
C GLY A 653 5.97 22.69 23.25
N LEU A 654 5.73 21.49 22.75
CA LEU A 654 4.93 20.50 23.44
C LEU A 654 5.76 19.70 24.43
N PRO A 655 5.14 19.18 25.48
CA PRO A 655 5.84 18.24 26.36
C PRO A 655 6.01 16.90 25.68
N TRP A 656 7.07 16.21 26.08
CA TRP A 656 7.29 14.84 25.63
C TRP A 656 7.93 14.02 26.75
FE1 SF4 B . 27.68 4.86 -18.31
FE2 SF4 B . 25.76 3.14 -17.23
FE3 SF4 B . 28.27 2.22 -17.94
FE4 SF4 B . 26.50 2.93 -19.88
S1 SF4 B . 26.22 1.23 -18.38
S2 SF4 B . 28.72 3.42 -19.77
S3 SF4 B . 25.45 4.74 -18.87
S4 SF4 B . 27.76 3.77 -16.33
FE FE C . 0.26 -3.82 -1.47
FE FE D . 3.88 -4.65 -2.11
FE FE E . 1.02 -6.50 -1.15
FE FE F . 2.05 -1.58 -2.01
#